data_2M3H
#
_entry.id   2M3H
#
loop_
_entity.id
_entity.type
_entity.pdbx_description
1 polymer 'Death-inducer obliterator 1'
2 non-polymer 'ZINC ION'
#
_entity_poly.entity_id   1
_entity_poly.type   'polypeptide(L)'
_entity_poly.pdbx_seq_one_letter_code
;GSMDPNALYCICRQPHNNRFMICCDRCEEWFHGDCVGISEARGRLLERNGEDYICPNCTIL
;
_entity_poly.pdbx_strand_id   A
#
# COMPACT_ATOMS: atom_id res chain seq x y z
N GLY A 1 -2.07 5.15 -12.45
CA GLY A 1 -0.66 5.09 -12.76
C GLY A 1 0.20 5.72 -11.69
N SER A 2 0.65 6.95 -11.94
CA SER A 2 1.49 7.67 -10.99
C SER A 2 0.67 8.17 -9.80
N MET A 3 1.09 7.80 -8.60
CA MET A 3 0.38 8.21 -7.39
C MET A 3 0.48 9.72 -7.20
N ASP A 4 -0.63 10.33 -6.79
CA ASP A 4 -0.67 11.76 -6.58
C ASP A 4 -0.74 12.08 -5.08
N PRO A 5 -0.39 13.33 -4.72
CA PRO A 5 -0.40 13.78 -3.33
C PRO A 5 -1.81 13.93 -2.79
N ASN A 6 -2.73 14.44 -3.62
CA ASN A 6 -4.11 14.63 -3.22
C ASN A 6 -5.01 13.59 -3.88
N ALA A 7 -4.59 12.33 -3.82
CA ALA A 7 -5.36 11.24 -4.42
C ALA A 7 -5.81 10.25 -3.34
N LEU A 8 -6.64 9.28 -3.75
CA LEU A 8 -7.15 8.28 -2.82
C LEU A 8 -6.99 6.88 -3.40
N TYR A 9 -6.64 5.93 -2.53
CA TYR A 9 -6.45 4.55 -2.96
C TYR A 9 -6.88 3.58 -1.86
N CYS A 10 -6.28 3.72 -0.68
CA CYS A 10 -6.61 2.85 0.45
C CYS A 10 -8.12 2.75 0.63
N ILE A 11 -8.55 1.67 1.28
CA ILE A 11 -9.97 1.45 1.52
C ILE A 11 -10.61 2.64 2.24
N CYS A 12 -9.84 3.24 3.15
CA CYS A 12 -10.33 4.40 3.91
C CYS A 12 -10.37 5.64 3.02
N ARG A 13 -9.68 5.58 1.89
CA ARG A 13 -9.64 6.71 0.97
C ARG A 13 -8.98 7.93 1.61
N GLN A 14 -7.68 7.84 1.86
CA GLN A 14 -6.95 8.94 2.47
C GLN A 14 -5.65 9.22 1.71
N PRO A 15 -5.11 10.43 1.90
CA PRO A 15 -3.87 10.86 1.24
C PRO A 15 -2.65 10.13 1.78
N HIS A 16 -1.63 10.00 0.95
CA HIS A 16 -0.40 9.32 1.34
C HIS A 16 0.48 10.23 2.19
N ASN A 17 0.03 11.47 2.37
CA ASN A 17 0.78 12.45 3.16
C ASN A 17 0.38 12.38 4.63
N ASN A 18 0.24 11.17 5.14
CA ASN A 18 -0.14 10.96 6.54
C ASN A 18 0.79 9.96 7.22
N ARG A 19 0.55 8.68 6.96
CA ARG A 19 1.36 7.62 7.54
C ARG A 19 1.97 6.74 6.45
N PHE A 20 2.67 5.69 6.87
CA PHE A 20 3.31 4.77 5.94
C PHE A 20 2.28 4.18 4.97
N MET A 21 2.72 3.91 3.74
CA MET A 21 1.84 3.34 2.73
C MET A 21 2.58 2.30 1.89
N ILE A 22 1.84 1.36 1.35
CA ILE A 22 2.42 0.30 0.52
C ILE A 22 1.82 0.30 -0.88
N CYS A 23 2.59 -0.18 -1.85
CA CYS A 23 2.14 -0.23 -3.23
C CYS A 23 1.77 -1.65 -3.63
N CYS A 24 0.54 -1.85 -4.09
CA CYS A 24 0.06 -3.16 -4.49
C CYS A 24 0.11 -3.31 -6.01
N ASP A 25 0.85 -4.31 -6.48
CA ASP A 25 0.98 -4.56 -7.90
C ASP A 25 -0.26 -5.24 -8.46
N ARG A 26 -0.97 -5.96 -7.60
CA ARG A 26 -2.17 -6.66 -8.00
C ARG A 26 -3.16 -5.72 -8.66
N CYS A 27 -3.67 -4.76 -7.89
CA CYS A 27 -4.62 -3.78 -8.40
C CYS A 27 -3.90 -2.51 -8.86
N GLU A 28 -2.61 -2.42 -8.57
CA GLU A 28 -1.82 -1.26 -8.95
C GLU A 28 -2.29 -0.02 -8.21
N GLU A 29 -2.38 -0.11 -6.89
CA GLU A 29 -2.82 1.01 -6.07
C GLU A 29 -1.97 1.11 -4.80
N TRP A 30 -2.38 2.01 -3.90
CA TRP A 30 -1.66 2.21 -2.66
C TRP A 30 -2.54 1.88 -1.46
N PHE A 31 -1.92 1.49 -0.36
CA PHE A 31 -2.65 1.14 0.86
C PHE A 31 -1.88 1.57 2.10
N HIS A 32 -2.52 1.46 3.26
CA HIS A 32 -1.89 1.83 4.52
C HIS A 32 -1.41 0.61 5.28
N GLY A 33 -0.15 0.63 5.70
CA GLY A 33 0.42 -0.49 6.42
C GLY A 33 -0.44 -0.90 7.61
N ASP A 34 -1.12 0.07 8.21
CA ASP A 34 -1.98 -0.20 9.36
C ASP A 34 -3.28 -0.87 8.92
N CYS A 35 -3.85 -0.39 7.83
CA CYS A 35 -5.09 -0.95 7.30
C CYS A 35 -4.89 -2.38 6.81
N VAL A 36 -3.76 -2.60 6.14
CA VAL A 36 -3.44 -3.91 5.60
C VAL A 36 -2.83 -4.82 6.68
N GLY A 37 -2.20 -4.19 7.67
CA GLY A 37 -1.58 -4.95 8.74
C GLY A 37 -0.07 -4.98 8.64
N ILE A 38 0.45 -4.58 7.48
CA ILE A 38 1.89 -4.57 7.27
C ILE A 38 2.58 -3.56 8.19
N SER A 39 3.76 -3.91 8.67
CA SER A 39 4.52 -3.04 9.56
C SER A 39 5.51 -2.19 8.77
N GLU A 40 5.84 -1.02 9.31
CA GLU A 40 6.77 -0.11 8.66
C GLU A 40 8.07 -0.83 8.32
N ALA A 41 8.49 -1.73 9.19
CA ALA A 41 9.72 -2.49 8.97
C ALA A 41 9.51 -3.59 7.94
N ARG A 42 8.29 -4.13 7.89
CA ARG A 42 7.96 -5.19 6.94
C ARG A 42 7.86 -4.64 5.52
N GLY A 43 7.08 -3.58 5.36
CA GLY A 43 6.91 -2.97 4.05
C GLY A 43 8.23 -2.51 3.46
N ARG A 44 9.13 -2.04 4.31
CA ARG A 44 10.43 -1.57 3.85
C ARG A 44 11.31 -2.73 3.41
N LEU A 45 11.05 -3.91 3.96
CA LEU A 45 11.83 -5.10 3.61
C LEU A 45 11.47 -5.59 2.22
N LEU A 46 10.17 -5.72 1.94
CA LEU A 46 9.70 -6.18 0.64
C LEU A 46 10.20 -5.27 -0.47
N GLU A 47 10.44 -4.00 -0.14
CA GLU A 47 10.92 -3.03 -1.10
C GLU A 47 12.39 -3.27 -1.44
N ARG A 48 13.12 -3.82 -0.47
CA ARG A 48 14.54 -4.10 -0.65
C ARG A 48 14.74 -5.42 -1.40
N ASN A 49 13.90 -6.40 -1.11
CA ASN A 49 13.98 -7.70 -1.76
C ASN A 49 13.30 -7.68 -3.11
N GLY A 50 12.37 -6.73 -3.29
CA GLY A 50 11.66 -6.62 -4.55
C GLY A 50 10.55 -7.64 -4.68
N GLU A 51 9.85 -7.89 -3.59
CA GLU A 51 8.75 -8.86 -3.58
C GLU A 51 7.41 -8.15 -3.79
N ASP A 52 6.80 -8.40 -4.95
CA ASP A 52 5.51 -7.80 -5.28
C ASP A 52 4.48 -8.08 -4.19
N TYR A 53 4.22 -7.09 -3.35
CA TYR A 53 3.26 -7.24 -2.26
C TYR A 53 1.83 -7.15 -2.78
N ILE A 54 0.92 -7.89 -2.14
CA ILE A 54 -0.47 -7.89 -2.54
C ILE A 54 -1.38 -7.64 -1.35
N CYS A 55 -2.04 -6.48 -1.34
CA CYS A 55 -2.94 -6.12 -0.26
C CYS A 55 -3.89 -7.27 0.08
N PRO A 56 -4.40 -7.28 1.32
CA PRO A 56 -5.33 -8.31 1.78
C PRO A 56 -6.69 -8.22 1.11
N ASN A 57 -6.89 -7.16 0.32
CA ASN A 57 -8.15 -6.96 -0.38
C ASN A 57 -8.18 -7.77 -1.68
N CYS A 58 -7.07 -7.76 -2.39
CA CYS A 58 -6.97 -8.49 -3.65
C CYS A 58 -6.80 -9.99 -3.41
N THR A 59 -5.96 -10.33 -2.43
CA THR A 59 -5.72 -11.73 -2.10
C THR A 59 -7.02 -12.48 -1.84
N ILE A 60 -8.03 -11.76 -1.39
CA ILE A 60 -9.33 -12.35 -1.11
C ILE A 60 -10.40 -11.81 -2.06
N LEU A 61 -9.96 -11.33 -3.21
CA LEU A 61 -10.87 -10.79 -4.22
C LEU A 61 -10.28 -10.92 -5.61
N GLY A 1 1.14 7.28 -14.12
CA GLY A 1 2.22 6.36 -13.80
C GLY A 1 2.47 6.24 -12.32
N SER A 2 2.65 7.38 -11.66
CA SER A 2 2.91 7.40 -10.22
C SER A 2 1.75 8.04 -9.47
N MET A 3 1.51 7.57 -8.25
CA MET A 3 0.42 8.09 -7.42
C MET A 3 0.60 9.59 -7.18
N ASP A 4 -0.43 10.23 -6.64
CA ASP A 4 -0.39 11.66 -6.36
C ASP A 4 -0.69 11.92 -4.89
N PRO A 5 -0.30 13.11 -4.41
CA PRO A 5 -0.51 13.52 -3.01
C PRO A 5 -1.98 13.77 -2.71
N ASN A 6 -2.67 14.43 -3.63
CA ASN A 6 -4.09 14.74 -3.45
C ASN A 6 -4.96 13.68 -4.12
N ALA A 7 -4.59 12.41 -3.90
CA ALA A 7 -5.34 11.30 -4.47
C ALA A 7 -5.78 10.32 -3.39
N LEU A 8 -6.62 9.36 -3.77
CA LEU A 8 -7.11 8.36 -2.82
C LEU A 8 -6.97 6.96 -3.39
N TYR A 9 -6.64 6.00 -2.53
CA TYR A 9 -6.46 4.62 -2.96
C TYR A 9 -6.91 3.65 -1.86
N CYS A 10 -6.30 3.78 -0.68
CA CYS A 10 -6.64 2.93 0.45
C CYS A 10 -8.14 2.84 0.63
N ILE A 11 -8.59 1.76 1.28
CA ILE A 11 -10.02 1.55 1.52
C ILE A 11 -10.64 2.75 2.23
N CYS A 12 -9.88 3.34 3.15
CA CYS A 12 -10.35 4.49 3.89
C CYS A 12 -10.39 5.74 3.02
N ARG A 13 -9.67 5.68 1.90
CA ARG A 13 -9.61 6.81 0.97
C ARG A 13 -8.96 8.02 1.63
N GLN A 14 -7.66 7.92 1.86
CA GLN A 14 -6.92 9.01 2.48
C GLN A 14 -5.61 9.28 1.74
N PRO A 15 -5.06 10.49 1.93
CA PRO A 15 -3.81 10.89 1.29
C PRO A 15 -2.60 10.15 1.83
N HIS A 16 -1.56 10.00 1.01
CA HIS A 16 -0.35 9.30 1.41
C HIS A 16 0.52 10.20 2.28
N ASN A 17 0.10 11.44 2.46
CA ASN A 17 0.85 12.41 3.26
C ASN A 17 0.43 12.34 4.72
N ASN A 18 0.27 11.12 5.22
CA ASN A 18 -0.13 10.92 6.61
C ASN A 18 0.75 9.87 7.29
N ARG A 19 0.49 8.60 7.01
CA ARG A 19 1.25 7.51 7.60
C ARG A 19 1.86 6.63 6.50
N PHE A 20 2.62 5.63 6.91
CA PHE A 20 3.26 4.72 5.97
C PHE A 20 2.23 4.14 4.98
N MET A 21 2.67 3.88 3.77
CA MET A 21 1.80 3.33 2.74
C MET A 21 2.53 2.30 1.89
N ILE A 22 1.78 1.36 1.32
CA ILE A 22 2.36 0.31 0.50
C ILE A 22 1.75 0.31 -0.90
N CYS A 23 2.50 -0.18 -1.87
CA CYS A 23 2.03 -0.24 -3.25
C CYS A 23 1.66 -1.66 -3.64
N CYS A 24 0.42 -1.85 -4.09
CA CYS A 24 -0.06 -3.16 -4.49
C CYS A 24 -0.01 -3.32 -6.01
N ASP A 25 0.72 -4.33 -6.47
CA ASP A 25 0.85 -4.58 -7.90
C ASP A 25 -0.41 -5.25 -8.45
N ARG A 26 -1.11 -5.98 -7.59
CA ARG A 26 -2.33 -6.67 -7.98
C ARG A 26 -3.31 -5.70 -8.64
N CYS A 27 -3.80 -4.74 -7.87
CA CYS A 27 -4.75 -3.76 -8.37
C CYS A 27 -4.03 -2.49 -8.85
N GLU A 28 -2.72 -2.42 -8.57
CA GLU A 28 -1.93 -1.27 -8.96
C GLU A 28 -2.37 -0.02 -8.22
N GLU A 29 -2.48 -0.11 -6.90
CA GLU A 29 -2.90 1.02 -6.08
C GLU A 29 -2.05 1.11 -4.82
N TRP A 30 -2.44 2.00 -3.91
CA TRP A 30 -1.72 2.20 -2.66
C TRP A 30 -2.60 1.89 -1.47
N PHE A 31 -1.98 1.48 -0.36
CA PHE A 31 -2.72 1.16 0.85
C PHE A 31 -1.94 1.58 2.10
N HIS A 32 -2.58 1.49 3.26
CA HIS A 32 -1.95 1.87 4.51
C HIS A 32 -1.47 0.63 5.28
N GLY A 33 -0.21 0.65 5.68
CA GLY A 33 0.35 -0.47 6.41
C GLY A 33 -0.50 -0.88 7.60
N ASP A 34 -1.17 0.09 8.20
CA ASP A 34 -2.02 -0.17 9.36
C ASP A 34 -3.33 -0.83 8.92
N CYS A 35 -3.90 -0.34 7.83
CA CYS A 35 -5.15 -0.88 7.32
C CYS A 35 -4.97 -2.32 6.83
N VAL A 36 -3.84 -2.56 6.15
CA VAL A 36 -3.54 -3.87 5.62
C VAL A 36 -2.93 -4.77 6.70
N GLY A 37 -2.27 -4.15 7.66
CA GLY A 37 -1.65 -4.91 8.74
C GLY A 37 -0.14 -4.93 8.64
N ILE A 38 0.38 -4.56 7.48
CA ILE A 38 1.82 -4.54 7.25
C ILE A 38 2.51 -3.53 8.16
N SER A 39 3.68 -3.90 8.66
CA SER A 39 4.44 -3.02 9.54
C SER A 39 5.43 -2.18 8.75
N GLU A 40 5.73 -0.99 9.27
CA GLU A 40 6.66 -0.08 8.61
C GLU A 40 7.96 -0.79 8.28
N ALA A 41 8.37 -1.72 9.14
CA ALA A 41 9.60 -2.48 8.95
C ALA A 41 9.41 -3.55 7.87
N ARG A 42 8.25 -4.19 7.87
CA ARG A 42 7.96 -5.24 6.91
C ARG A 42 7.83 -4.65 5.50
N GLY A 43 7.01 -3.62 5.37
CA GLY A 43 6.81 -2.98 4.08
C GLY A 43 8.11 -2.50 3.47
N ARG A 44 8.89 -1.75 4.25
CA ARG A 44 10.15 -1.22 3.78
C ARG A 44 11.11 -2.34 3.39
N LEU A 45 10.90 -3.52 3.98
CA LEU A 45 11.74 -4.67 3.69
C LEU A 45 11.44 -5.24 2.30
N LEU A 46 10.16 -5.38 1.99
CA LEU A 46 9.73 -5.90 0.70
C LEU A 46 10.24 -5.02 -0.43
N GLU A 47 10.45 -3.74 -0.14
CA GLU A 47 10.92 -2.79 -1.14
C GLU A 47 12.41 -3.01 -1.42
N ARG A 48 13.14 -3.46 -0.40
CA ARG A 48 14.57 -3.69 -0.53
C ARG A 48 14.84 -5.05 -1.18
N ASN A 49 13.90 -5.98 -1.01
CA ASN A 49 14.02 -7.31 -1.57
C ASN A 49 13.37 -7.39 -2.94
N GLY A 50 12.42 -6.49 -3.19
CA GLY A 50 11.73 -6.47 -4.47
C GLY A 50 10.66 -7.55 -4.56
N GLU A 51 9.84 -7.67 -3.53
CA GLU A 51 8.79 -8.67 -3.49
C GLU A 51 7.42 -8.02 -3.74
N ASP A 52 6.76 -8.43 -4.83
CA ASP A 52 5.46 -7.89 -5.18
C ASP A 52 4.45 -8.18 -4.08
N TYR A 53 4.08 -7.13 -3.33
CA TYR A 53 3.12 -7.27 -2.25
C TYR A 53 1.69 -7.17 -2.76
N ILE A 54 0.78 -7.90 -2.13
CA ILE A 54 -0.63 -7.88 -2.52
C ILE A 54 -1.53 -7.63 -1.32
N CYS A 55 -2.18 -6.46 -1.32
CA CYS A 55 -3.08 -6.09 -0.23
C CYS A 55 -4.03 -7.23 0.10
N PRO A 56 -4.55 -7.23 1.34
CA PRO A 56 -5.47 -8.26 1.82
C PRO A 56 -6.83 -8.15 1.14
N ASN A 57 -7.03 -7.10 0.36
CA ASN A 57 -8.30 -6.89 -0.34
C ASN A 57 -8.33 -7.69 -1.63
N CYS A 58 -7.21 -7.71 -2.35
CA CYS A 58 -7.12 -8.44 -3.61
C CYS A 58 -6.97 -9.94 -3.36
N THR A 59 -6.13 -10.30 -2.40
CA THR A 59 -5.89 -11.69 -2.07
C THR A 59 -7.19 -12.43 -1.83
N ILE A 60 -8.21 -11.71 -1.36
CA ILE A 60 -9.51 -12.30 -1.10
C ILE A 60 -10.53 -11.88 -2.15
N LEU A 61 -10.26 -10.75 -2.81
CA LEU A 61 -11.15 -10.23 -3.84
C LEU A 61 -10.39 -9.99 -5.14
N GLY A 1 3.13 1.72 -10.82
CA GLY A 1 2.83 2.95 -11.53
C GLY A 1 3.20 4.18 -10.74
N SER A 2 2.34 5.19 -10.77
CA SER A 2 2.60 6.44 -10.06
C SER A 2 1.34 6.91 -9.33
N MET A 3 1.54 7.64 -8.23
CA MET A 3 0.43 8.15 -7.45
C MET A 3 0.59 9.64 -7.19
N ASP A 4 -0.47 10.27 -6.69
CA ASP A 4 -0.44 11.70 -6.40
C ASP A 4 -0.72 11.96 -4.92
N PRO A 5 -0.34 13.15 -4.45
CA PRO A 5 -0.53 13.55 -3.05
C PRO A 5 -2.00 13.78 -2.72
N ASN A 6 -2.70 14.48 -3.60
CA ASN A 6 -4.12 14.77 -3.39
C ASN A 6 -4.99 13.70 -4.05
N ALA A 7 -4.61 12.44 -3.88
CA ALA A 7 -5.36 11.33 -4.46
C ALA A 7 -5.81 10.35 -3.38
N LEU A 8 -6.64 9.39 -3.77
CA LEU A 8 -7.15 8.39 -2.84
C LEU A 8 -6.99 6.99 -3.41
N TYR A 9 -6.66 6.03 -2.54
CA TYR A 9 -6.50 4.64 -2.97
C TYR A 9 -6.94 3.69 -1.87
N CYS A 10 -6.34 3.82 -0.69
CA CYS A 10 -6.68 2.96 0.44
C CYS A 10 -8.19 2.87 0.62
N ILE A 11 -8.64 1.80 1.26
CA ILE A 11 -10.06 1.58 1.50
C ILE A 11 -10.69 2.79 2.19
N CYS A 12 -9.94 3.39 3.12
CA CYS A 12 -10.42 4.55 3.85
C CYS A 12 -10.44 5.79 2.97
N ARG A 13 -9.73 5.72 1.85
CA ARG A 13 -9.66 6.84 0.93
C ARG A 13 -9.00 8.06 1.57
N GLN A 14 -7.71 7.96 1.82
CA GLN A 14 -6.98 9.05 2.45
C GLN A 14 -5.66 9.32 1.71
N PRO A 15 -5.11 10.54 1.90
CA PRO A 15 -3.86 10.94 1.26
C PRO A 15 -2.65 10.19 1.81
N HIS A 16 -1.62 10.05 0.99
CA HIS A 16 -0.40 9.35 1.41
C HIS A 16 0.48 10.26 2.27
N ASN A 17 0.05 11.50 2.45
CA ASN A 17 0.78 12.46 3.25
C ASN A 17 0.36 12.40 4.71
N ASN A 18 0.20 11.19 5.21
CA ASN A 18 -0.21 10.98 6.61
C ASN A 18 0.69 9.95 7.28
N ARG A 19 0.41 8.68 7.02
CA ARG A 19 1.20 7.59 7.60
C ARG A 19 1.79 6.71 6.52
N PHE A 20 2.55 5.69 6.93
CA PHE A 20 3.19 4.78 6.00
C PHE A 20 2.17 4.21 5.01
N MET A 21 2.63 3.94 3.79
CA MET A 21 1.75 3.39 2.77
C MET A 21 2.49 2.36 1.93
N ILE A 22 1.74 1.41 1.36
CA ILE A 22 2.32 0.36 0.54
C ILE A 22 1.72 0.35 -0.86
N CYS A 23 2.48 -0.13 -1.84
CA CYS A 23 2.02 -0.19 -3.22
C CYS A 23 1.65 -1.61 -3.61
N CYS A 24 0.42 -1.80 -4.06
CA CYS A 24 -0.06 -3.12 -4.46
C CYS A 24 0.00 -3.27 -5.97
N ASP A 25 0.73 -4.28 -6.43
CA ASP A 25 0.86 -4.55 -7.86
C ASP A 25 -0.39 -5.22 -8.42
N ARG A 26 -1.09 -5.94 -7.55
CA ARG A 26 -2.31 -6.64 -7.95
C ARG A 26 -3.30 -5.67 -8.62
N CYS A 27 -3.79 -4.72 -7.84
CA CYS A 27 -4.74 -3.73 -8.36
C CYS A 27 -4.02 -2.48 -8.83
N GLU A 28 -2.72 -2.40 -8.54
CA GLU A 28 -1.92 -1.24 -8.94
C GLU A 28 -2.37 0.01 -8.20
N GLU A 29 -2.48 -0.09 -6.88
CA GLU A 29 -2.91 1.04 -6.07
C GLU A 29 -2.06 1.15 -4.80
N TRP A 30 -2.46 2.03 -3.90
CA TRP A 30 -1.74 2.24 -2.64
C TRP A 30 -2.64 1.93 -1.45
N PHE A 31 -2.02 1.53 -0.34
CA PHE A 31 -2.76 1.21 0.87
C PHE A 31 -1.98 1.64 2.12
N HIS A 32 -2.63 1.54 3.27
CA HIS A 32 -2.01 1.92 4.53
C HIS A 32 -1.53 0.70 5.29
N GLY A 33 -0.27 0.72 5.71
CA GLY A 33 0.29 -0.40 6.45
C GLY A 33 -0.56 -0.81 7.63
N ASP A 34 -1.26 0.15 8.21
CA ASP A 34 -2.13 -0.11 9.36
C ASP A 34 -3.41 -0.81 8.91
N CYS A 35 -4.02 -0.30 7.84
CA CYS A 35 -5.25 -0.86 7.32
C CYS A 35 -5.04 -2.29 6.83
N VAL A 36 -3.91 -2.52 6.16
CA VAL A 36 -3.57 -3.85 5.64
C VAL A 36 -2.97 -4.72 6.73
N GLY A 37 -2.34 -4.09 7.72
CA GLY A 37 -1.72 -4.83 8.80
C GLY A 37 -0.21 -4.87 8.70
N ILE A 38 0.30 -4.51 7.53
CA ILE A 38 1.75 -4.50 7.31
C ILE A 38 2.44 -3.50 8.24
N SER A 39 3.62 -3.86 8.71
CA SER A 39 4.38 -3.00 9.60
C SER A 39 5.37 -2.14 8.81
N GLU A 40 5.69 -0.96 9.35
CA GLU A 40 6.62 -0.05 8.70
C GLU A 40 7.91 -0.75 8.35
N ALA A 41 8.36 -1.65 9.22
CA ALA A 41 9.59 -2.39 9.01
C ALA A 41 9.38 -3.50 7.98
N ARG A 42 8.19 -4.07 7.96
CA ARG A 42 7.86 -5.14 7.02
C ARG A 42 7.76 -4.61 5.60
N GLY A 43 6.97 -3.55 5.43
CA GLY A 43 6.79 -2.97 4.11
C GLY A 43 8.12 -2.52 3.49
N ARG A 44 9.06 -2.14 4.35
CA ARG A 44 10.37 -1.69 3.88
C ARG A 44 11.16 -2.85 3.27
N LEU A 45 11.13 -3.99 3.94
CA LEU A 45 11.84 -5.18 3.47
C LEU A 45 11.48 -5.49 2.02
N LEU A 46 10.18 -5.55 1.74
CA LEU A 46 9.70 -5.83 0.39
C LEU A 46 10.08 -4.70 -0.57
N GLU A 47 10.24 -3.50 -0.03
CA GLU A 47 10.59 -2.34 -0.83
C GLU A 47 12.07 -2.39 -1.24
N ARG A 48 12.91 -2.88 -0.34
CA ARG A 48 14.34 -2.98 -0.60
C ARG A 48 14.66 -4.25 -1.39
N ASN A 49 14.03 -5.35 -1.00
CA ASN A 49 14.25 -6.63 -1.67
C ASN A 49 13.47 -6.70 -2.99
N GLY A 50 12.41 -5.89 -3.07
CA GLY A 50 11.60 -5.87 -4.28
C GLY A 50 10.63 -7.04 -4.34
N GLU A 51 9.91 -7.27 -3.25
CA GLU A 51 8.94 -8.36 -3.19
C GLU A 51 7.53 -7.86 -3.46
N ASP A 52 6.98 -8.24 -4.60
CA ASP A 52 5.63 -7.83 -4.98
C ASP A 52 4.64 -8.12 -3.86
N TYR A 53 4.08 -7.06 -3.29
CA TYR A 53 3.11 -7.20 -2.20
C TYR A 53 1.68 -7.10 -2.73
N ILE A 54 0.78 -7.83 -2.09
CA ILE A 54 -0.63 -7.83 -2.49
C ILE A 54 -1.54 -7.57 -1.30
N CYS A 55 -2.18 -6.41 -1.29
CA CYS A 55 -3.09 -6.04 -0.21
C CYS A 55 -4.04 -7.19 0.12
N PRO A 56 -4.55 -7.19 1.36
CA PRO A 56 -5.47 -8.23 1.83
C PRO A 56 -6.84 -8.13 1.15
N ASN A 57 -7.04 -7.07 0.38
CA ASN A 57 -8.31 -6.86 -0.32
C ASN A 57 -8.35 -7.67 -1.62
N CYS A 58 -7.22 -7.69 -2.34
CA CYS A 58 -7.13 -8.41 -3.60
C CYS A 58 -6.98 -9.91 -3.34
N THR A 59 -6.17 -10.27 -2.37
CA THR A 59 -5.94 -11.67 -2.03
C THR A 59 -7.25 -12.39 -1.76
N ILE A 60 -8.24 -11.65 -1.28
CA ILE A 60 -9.54 -12.21 -0.97
C ILE A 60 -10.60 -11.74 -1.97
N LEU A 61 -10.14 -11.35 -3.17
CA LEU A 61 -11.04 -10.88 -4.21
C LEU A 61 -10.94 -11.76 -5.45
N GLY A 1 1.05 5.19 -14.48
CA GLY A 1 0.43 5.34 -13.17
C GLY A 1 1.35 6.03 -12.18
N SER A 2 1.04 7.27 -11.85
CA SER A 2 1.85 8.04 -10.91
C SER A 2 1.02 8.50 -9.71
N MET A 3 1.45 8.12 -8.52
CA MET A 3 0.74 8.49 -7.29
C MET A 3 0.64 10.01 -7.16
N ASP A 4 -0.58 10.50 -7.00
CA ASP A 4 -0.81 11.93 -6.86
C ASP A 4 -0.70 12.36 -5.40
N PRO A 5 -0.48 13.67 -5.18
CA PRO A 5 -0.35 14.24 -3.83
C PRO A 5 -1.67 14.22 -3.07
N ASN A 6 -2.72 14.70 -3.71
CA ASN A 6 -4.04 14.75 -3.10
C ASN A 6 -4.98 13.72 -3.73
N ALA A 7 -4.50 12.47 -3.82
CA ALA A 7 -5.29 11.40 -4.40
C ALA A 7 -5.74 10.42 -3.32
N LEU A 8 -6.54 9.43 -3.72
CA LEU A 8 -7.04 8.43 -2.79
C LEU A 8 -6.90 7.02 -3.38
N TYR A 9 -6.57 6.06 -2.52
CA TYR A 9 -6.41 4.68 -2.94
C TYR A 9 -6.87 3.72 -1.86
N CYS A 10 -6.28 3.83 -0.68
CA CYS A 10 -6.64 2.97 0.44
C CYS A 10 -8.16 2.88 0.60
N ILE A 11 -8.61 1.81 1.24
CA ILE A 11 -10.04 1.60 1.46
C ILE A 11 -10.66 2.80 2.16
N CYS A 12 -9.93 3.39 3.09
CA CYS A 12 -10.40 4.55 3.84
C CYS A 12 -10.40 5.80 2.96
N ARG A 13 -9.72 5.72 1.83
CA ARG A 13 -9.63 6.84 0.91
C ARG A 13 -8.99 8.06 1.59
N GLN A 14 -7.69 7.95 1.86
CA GLN A 14 -6.96 9.03 2.51
C GLN A 14 -5.65 9.31 1.78
N PRO A 15 -5.09 10.52 2.00
CA PRO A 15 -3.83 10.93 1.38
C PRO A 15 -2.63 10.18 1.93
N HIS A 16 -1.59 10.05 1.11
CA HIS A 16 -0.38 9.35 1.53
C HIS A 16 0.49 10.23 2.41
N ASN A 17 0.06 11.48 2.60
CA ASN A 17 0.79 12.43 3.42
C ASN A 17 0.36 12.34 4.88
N ASN A 18 0.20 11.11 5.37
CA ASN A 18 -0.22 10.89 6.75
C ASN A 18 0.66 9.84 7.42
N ARG A 19 0.40 8.57 7.13
CA ARG A 19 1.17 7.47 7.71
C ARG A 19 1.78 6.61 6.61
N PHE A 20 2.55 5.60 7.03
CA PHE A 20 3.20 4.69 6.08
C PHE A 20 2.17 4.12 5.09
N MET A 21 2.64 3.88 3.87
CA MET A 21 1.76 3.33 2.83
C MET A 21 2.50 2.28 2.00
N ILE A 22 1.74 1.35 1.42
CA ILE A 22 2.33 0.30 0.61
C ILE A 22 1.75 0.32 -0.81
N CYS A 23 2.53 -0.18 -1.77
CA CYS A 23 2.09 -0.22 -3.16
C CYS A 23 1.71 -1.65 -3.56
N CYS A 24 0.48 -1.80 -4.04
CA CYS A 24 -0.01 -3.11 -4.47
C CYS A 24 0.06 -3.25 -5.99
N ASP A 25 0.80 -4.25 -6.45
CA ASP A 25 0.95 -4.50 -7.87
C ASP A 25 -0.27 -5.21 -8.43
N ARG A 26 -0.99 -5.91 -7.56
CA ARG A 26 -2.18 -6.63 -7.97
C ARG A 26 -3.19 -5.70 -8.66
N CYS A 27 -3.53 -4.62 -7.97
CA CYS A 27 -4.49 -3.65 -8.51
C CYS A 27 -3.78 -2.37 -8.93
N GLU A 28 -2.49 -2.28 -8.60
CA GLU A 28 -1.70 -1.10 -8.93
C GLU A 28 -2.21 0.13 -8.18
N GLU A 29 -2.32 0.01 -6.87
CA GLU A 29 -2.79 1.11 -6.03
C GLU A 29 -1.97 1.21 -4.75
N TRP A 30 -2.38 2.11 -3.87
CA TRP A 30 -1.67 2.31 -2.61
C TRP A 30 -2.58 1.99 -1.42
N PHE A 31 -1.98 1.56 -0.32
CA PHE A 31 -2.73 1.21 0.89
C PHE A 31 -1.97 1.62 2.14
N HIS A 32 -2.63 1.51 3.29
CA HIS A 32 -2.02 1.87 4.56
C HIS A 32 -1.55 0.63 5.31
N GLY A 33 -0.30 0.63 5.74
CA GLY A 33 0.25 -0.51 6.47
C GLY A 33 -0.62 -0.92 7.64
N ASP A 34 -1.30 0.06 8.23
CA ASP A 34 -2.18 -0.21 9.37
C ASP A 34 -3.48 -0.86 8.92
N CYS A 35 -4.04 -0.36 7.83
CA CYS A 35 -5.29 -0.90 7.30
C CYS A 35 -5.08 -2.32 6.79
N VAL A 36 -3.96 -2.55 6.12
CA VAL A 36 -3.65 -3.88 5.58
C VAL A 36 -3.07 -4.79 6.66
N GLY A 37 -2.42 -4.18 7.65
CA GLY A 37 -1.83 -4.95 8.73
C GLY A 37 -0.32 -5.00 8.66
N ILE A 38 0.22 -4.61 7.50
CA ILE A 38 1.67 -4.61 7.30
C ILE A 38 2.35 -3.62 8.24
N SER A 39 3.52 -4.00 8.73
CA SER A 39 4.29 -3.15 9.64
C SER A 39 5.30 -2.31 8.87
N GLU A 40 5.61 -1.13 9.40
CA GLU A 40 6.57 -0.24 8.78
C GLU A 40 7.88 -0.96 8.48
N ALA A 41 8.25 -1.90 9.36
CA ALA A 41 9.47 -2.67 9.18
C ALA A 41 9.31 -3.73 8.12
N ARG A 42 8.09 -4.26 8.00
CA ARG A 42 7.80 -5.29 7.01
C ARG A 42 7.72 -4.71 5.61
N GLY A 43 6.93 -3.64 5.46
CA GLY A 43 6.78 -3.01 4.17
C GLY A 43 8.09 -2.45 3.64
N ARG A 44 8.97 -2.05 4.55
CA ARG A 44 10.27 -1.49 4.17
C ARG A 44 11.19 -2.58 3.63
N LEU A 45 10.95 -3.81 4.09
CA LEU A 45 11.76 -4.95 3.65
C LEU A 45 11.38 -5.38 2.24
N LEU A 46 10.09 -5.51 2.00
CA LEU A 46 9.59 -5.91 0.69
C LEU A 46 10.09 -4.98 -0.41
N GLU A 47 10.38 -3.74 -0.03
CA GLU A 47 10.87 -2.74 -0.97
C GLU A 47 12.31 -3.04 -1.37
N ARG A 48 13.10 -3.48 -0.40
CA ARG A 48 14.51 -3.80 -0.65
C ARG A 48 14.65 -5.19 -1.27
N ASN A 49 13.71 -6.07 -0.96
CA ASN A 49 13.73 -7.42 -1.48
C ASN A 49 13.06 -7.49 -2.85
N GLY A 50 12.19 -6.52 -3.13
CA GLY A 50 11.50 -6.48 -4.40
C GLY A 50 10.41 -7.52 -4.50
N GLU A 51 9.74 -7.78 -3.38
CA GLU A 51 8.67 -8.77 -3.34
C GLU A 51 7.32 -8.10 -3.61
N ASP A 52 6.75 -8.38 -4.77
CA ASP A 52 5.45 -7.81 -5.14
C ASP A 52 4.41 -8.10 -4.07
N TYR A 53 4.09 -7.08 -3.28
CA TYR A 53 3.11 -7.23 -2.21
C TYR A 53 1.69 -7.11 -2.76
N ILE A 54 0.77 -7.85 -2.14
CA ILE A 54 -0.63 -7.83 -2.57
C ILE A 54 -1.56 -7.59 -1.38
N CYS A 55 -2.19 -6.41 -1.37
CA CYS A 55 -3.11 -6.06 -0.29
C CYS A 55 -4.08 -7.20 0.00
N PRO A 56 -4.62 -7.23 1.22
CA PRO A 56 -5.56 -8.26 1.66
C PRO A 56 -6.91 -8.13 0.97
N ASN A 57 -7.08 -7.06 0.20
CA ASN A 57 -8.33 -6.83 -0.52
C ASN A 57 -8.36 -7.60 -1.83
N CYS A 58 -7.23 -7.61 -2.53
CA CYS A 58 -7.12 -8.32 -3.80
C CYS A 58 -6.99 -9.82 -3.58
N THR A 59 -6.15 -10.19 -2.61
CA THR A 59 -5.92 -11.60 -2.31
C THR A 59 -7.24 -12.34 -2.11
N ILE A 60 -8.26 -11.61 -1.64
CA ILE A 60 -9.58 -12.20 -1.41
C ILE A 60 -10.64 -11.53 -2.27
N LEU A 61 -10.20 -10.91 -3.37
CA LEU A 61 -11.12 -10.23 -4.28
C LEU A 61 -10.36 -9.67 -5.48
N GLY A 1 1.68 4.54 -14.25
CA GLY A 1 2.49 5.69 -13.91
C GLY A 1 2.84 5.73 -12.43
N SER A 2 2.28 6.70 -11.72
CA SER A 2 2.55 6.84 -10.29
C SER A 2 1.31 7.39 -9.57
N MET A 3 1.46 7.61 -8.26
CA MET A 3 0.36 8.13 -7.45
C MET A 3 0.55 9.62 -7.20
N ASP A 4 -0.50 10.26 -6.68
CA ASP A 4 -0.45 11.69 -6.38
C ASP A 4 -0.86 11.96 -4.94
N PRO A 5 -0.48 13.14 -4.41
CA PRO A 5 -0.79 13.54 -3.05
C PRO A 5 -2.28 13.82 -2.84
N ASN A 6 -2.90 14.44 -3.85
CA ASN A 6 -4.32 14.76 -3.79
C ASN A 6 -5.16 13.66 -4.42
N ALA A 7 -4.82 12.41 -4.10
CA ALA A 7 -5.54 11.27 -4.65
C ALA A 7 -5.87 10.25 -3.54
N LEU A 8 -6.82 9.38 -3.83
CA LEU A 8 -7.23 8.36 -2.86
C LEU A 8 -7.05 6.97 -3.44
N TYR A 9 -6.71 6.01 -2.57
CA TYR A 9 -6.50 4.63 -2.98
C TYR A 9 -6.94 3.66 -1.90
N CYS A 10 -6.34 3.79 -0.72
CA CYS A 10 -6.67 2.92 0.41
C CYS A 10 -8.18 2.81 0.59
N ILE A 11 -8.62 1.73 1.22
CA ILE A 11 -10.04 1.51 1.46
C ILE A 11 -10.67 2.69 2.20
N CYS A 12 -9.90 3.29 3.10
CA CYS A 12 -10.37 4.42 3.87
C CYS A 12 -10.42 5.69 3.02
N ARG A 13 -9.75 5.64 1.88
CA ARG A 13 -9.70 6.78 0.98
C ARG A 13 -9.04 7.99 1.64
N GLN A 14 -7.73 7.89 1.85
CA GLN A 14 -6.99 8.98 2.49
C GLN A 14 -5.70 9.25 1.74
N PRO A 15 -5.14 10.46 1.94
CA PRO A 15 -3.89 10.88 1.28
C PRO A 15 -2.68 10.13 1.82
N HIS A 16 -1.66 10.01 1.00
CA HIS A 16 -0.43 9.32 1.40
C HIS A 16 0.45 10.22 2.27
N ASN A 17 0.01 11.46 2.45
CA ASN A 17 0.75 12.41 3.26
C ASN A 17 0.32 12.34 4.73
N ASN A 18 0.17 11.11 5.23
CA ASN A 18 -0.24 10.90 6.61
C ASN A 18 0.66 9.87 7.28
N ARG A 19 0.40 8.60 7.00
CA ARG A 19 1.19 7.51 7.58
C ARG A 19 1.79 6.64 6.49
N PHE A 20 2.56 5.63 6.91
CA PHE A 20 3.19 4.72 5.96
C PHE A 20 2.18 4.15 4.98
N MET A 21 2.63 3.89 3.75
CA MET A 21 1.76 3.34 2.72
C MET A 21 2.50 2.31 1.88
N ILE A 22 1.75 1.37 1.31
CA ILE A 22 2.33 0.32 0.49
C ILE A 22 1.73 0.32 -0.91
N CYS A 23 2.50 -0.17 -1.88
CA CYS A 23 2.03 -0.22 -3.26
C CYS A 23 1.66 -1.66 -3.65
N CYS A 24 0.42 -1.84 -4.10
CA CYS A 24 -0.06 -3.15 -4.50
C CYS A 24 -0.01 -3.30 -6.02
N ASP A 25 0.74 -4.30 -6.49
CA ASP A 25 0.87 -4.55 -7.91
C ASP A 25 -0.36 -5.27 -8.45
N ARG A 26 -1.05 -5.99 -7.58
CA ARG A 26 -2.25 -6.73 -7.97
C ARG A 26 -3.26 -5.81 -8.64
N CYS A 27 -3.67 -4.76 -7.93
CA CYS A 27 -4.64 -3.81 -8.46
C CYS A 27 -3.93 -2.52 -8.91
N GLU A 28 -2.65 -2.41 -8.60
CA GLU A 28 -1.87 -1.24 -8.97
C GLU A 28 -2.36 0.00 -8.22
N GLU A 29 -2.44 -0.12 -6.90
CA GLU A 29 -2.91 1.00 -6.07
C GLU A 29 -2.06 1.12 -4.81
N TRP A 30 -2.46 2.01 -3.91
CA TRP A 30 -1.75 2.22 -2.67
C TRP A 30 -2.63 1.93 -1.47
N PHE A 31 -2.02 1.49 -0.37
CA PHE A 31 -2.76 1.16 0.84
C PHE A 31 -1.97 1.59 2.07
N HIS A 32 -2.62 1.50 3.24
CA HIS A 32 -1.98 1.88 4.50
C HIS A 32 -1.50 0.64 5.25
N GLY A 33 -0.24 0.66 5.68
CA GLY A 33 0.31 -0.46 6.41
C GLY A 33 -0.55 -0.88 7.58
N ASP A 34 -1.26 0.09 8.16
CA ASP A 34 -2.12 -0.19 9.30
C ASP A 34 -3.40 -0.89 8.86
N CYS A 35 -4.01 -0.37 7.80
CA CYS A 35 -5.25 -0.94 7.28
C CYS A 35 -5.02 -2.38 6.78
N VAL A 36 -3.89 -2.59 6.12
CA VAL A 36 -3.56 -3.90 5.60
C VAL A 36 -2.94 -4.78 6.68
N GLY A 37 -2.32 -4.15 7.67
CA GLY A 37 -1.70 -4.89 8.76
C GLY A 37 -0.19 -4.92 8.65
N ILE A 38 0.33 -4.57 7.47
CA ILE A 38 1.76 -4.56 7.24
C ILE A 38 2.46 -3.56 8.16
N SER A 39 3.65 -3.93 8.62
CA SER A 39 4.43 -3.07 9.51
C SER A 39 5.44 -2.25 8.72
N GLU A 40 5.81 -1.10 9.27
CA GLU A 40 6.77 -0.22 8.62
C GLU A 40 8.03 -0.97 8.25
N ALA A 41 8.43 -1.91 9.09
CA ALA A 41 9.62 -2.71 8.84
C ALA A 41 9.37 -3.78 7.78
N ARG A 42 8.22 -4.43 7.88
CA ARG A 42 7.85 -5.47 6.92
C ARG A 42 7.73 -4.90 5.51
N GLY A 43 6.96 -3.83 5.38
CA GLY A 43 6.78 -3.20 4.09
C GLY A 43 8.09 -2.73 3.48
N ARG A 44 9.04 -2.36 4.33
CA ARG A 44 10.35 -1.89 3.87
C ARG A 44 11.16 -3.04 3.26
N LEU A 45 11.12 -4.19 3.92
CA LEU A 45 11.85 -5.37 3.44
C LEU A 45 11.50 -5.66 1.98
N LEU A 46 10.21 -5.70 1.69
CA LEU A 46 9.74 -5.97 0.33
C LEU A 46 10.14 -4.85 -0.62
N GLU A 47 10.32 -3.65 -0.07
CA GLU A 47 10.70 -2.50 -0.87
C GLU A 47 12.18 -2.56 -1.24
N ARG A 48 13.00 -3.06 -0.31
CA ARG A 48 14.44 -3.17 -0.53
C ARG A 48 14.76 -4.43 -1.33
N ASN A 49 14.11 -5.53 -0.99
CA ASN A 49 14.33 -6.80 -1.67
C ASN A 49 13.57 -6.85 -2.99
N GLY A 50 12.51 -6.05 -3.10
CA GLY A 50 11.72 -6.02 -4.31
C GLY A 50 10.72 -7.16 -4.38
N GLU A 51 9.99 -7.37 -3.30
CA GLU A 51 9.00 -8.44 -3.24
C GLU A 51 7.60 -7.90 -3.49
N ASP A 52 7.04 -8.26 -4.65
CA ASP A 52 5.69 -7.81 -5.01
C ASP A 52 4.69 -8.12 -3.90
N TYR A 53 4.11 -7.07 -3.33
CA TYR A 53 3.14 -7.22 -2.25
C TYR A 53 1.71 -7.13 -2.79
N ILE A 54 0.80 -7.87 -2.17
CA ILE A 54 -0.59 -7.88 -2.57
C ILE A 54 -1.52 -7.65 -1.39
N CYS A 55 -2.15 -6.48 -1.36
CA CYS A 55 -3.07 -6.14 -0.28
C CYS A 55 -4.02 -7.28 0.02
N PRO A 56 -4.53 -7.32 1.26
CA PRO A 56 -5.47 -8.36 1.70
C PRO A 56 -6.83 -8.25 1.03
N ASN A 57 -7.03 -7.17 0.27
CA ASN A 57 -8.29 -6.95 -0.43
C ASN A 57 -8.34 -7.74 -1.74
N CYS A 58 -7.21 -7.75 -2.44
CA CYS A 58 -7.12 -8.46 -3.71
C CYS A 58 -6.99 -9.97 -3.48
N THR A 59 -6.13 -10.34 -2.54
CA THR A 59 -5.91 -11.75 -2.22
C THR A 59 -7.22 -12.47 -1.99
N ILE A 60 -8.22 -11.74 -1.50
CA ILE A 60 -9.53 -12.32 -1.23
C ILE A 60 -10.55 -11.89 -2.28
N LEU A 61 -10.27 -10.76 -2.93
CA LEU A 61 -11.16 -10.23 -3.96
C LEU A 61 -10.40 -9.97 -5.25
N GLY A 1 0.28 7.14 -15.74
CA GLY A 1 0.27 8.08 -14.63
C GLY A 1 1.02 7.56 -13.42
N SER A 2 0.71 8.13 -12.25
CA SER A 2 1.36 7.71 -11.01
C SER A 2 0.54 8.15 -9.79
N MET A 3 1.07 7.89 -8.61
CA MET A 3 0.39 8.26 -7.37
C MET A 3 0.48 9.76 -7.13
N ASP A 4 -0.64 10.36 -6.75
CA ASP A 4 -0.68 11.80 -6.48
C ASP A 4 -0.86 12.08 -4.99
N PRO A 5 -0.52 13.30 -4.57
CA PRO A 5 -0.64 13.71 -3.17
C PRO A 5 -2.08 13.86 -2.72
N ASN A 6 -2.90 14.48 -3.57
CA ASN A 6 -4.31 14.68 -3.26
C ASN A 6 -5.17 13.59 -3.89
N ALA A 7 -4.62 12.38 -3.95
CA ALA A 7 -5.33 11.24 -4.53
C ALA A 7 -5.78 10.27 -3.43
N LEU A 8 -6.61 9.30 -3.82
CA LEU A 8 -7.11 8.31 -2.87
C LEU A 8 -6.98 6.90 -3.44
N TYR A 9 -6.64 5.95 -2.58
CA TYR A 9 -6.48 4.56 -3.00
C TYR A 9 -6.92 3.61 -1.90
N CYS A 10 -6.32 3.75 -0.72
CA CYS A 10 -6.66 2.90 0.42
C CYS A 10 -8.16 2.81 0.62
N ILE A 11 -8.61 1.75 1.28
CA ILE A 11 -10.02 1.54 1.52
C ILE A 11 -10.64 2.75 2.22
N CYS A 12 -9.89 3.37 3.11
CA CYS A 12 -10.35 4.54 3.84
C CYS A 12 -10.37 5.77 2.95
N ARG A 13 -9.65 5.70 1.84
CA ARG A 13 -9.58 6.80 0.89
C ARG A 13 -8.90 8.02 1.54
N GLN A 14 -7.61 7.92 1.77
CA GLN A 14 -6.85 9.00 2.39
C GLN A 14 -5.55 9.25 1.64
N PRO A 15 -4.98 10.45 1.81
CA PRO A 15 -3.73 10.83 1.16
C PRO A 15 -2.53 10.09 1.73
N HIS A 16 -1.49 9.93 0.91
CA HIS A 16 -0.28 9.22 1.33
C HIS A 16 0.60 10.14 2.18
N ASN A 17 0.18 11.39 2.33
CA ASN A 17 0.92 12.36 3.12
C ASN A 17 0.49 12.33 4.58
N ASN A 18 0.31 11.13 5.11
CA ASN A 18 -0.10 10.97 6.50
C ASN A 18 0.72 9.89 7.19
N ARG A 19 0.41 8.63 6.90
CA ARG A 19 1.12 7.50 7.50
C ARG A 19 1.75 6.62 6.41
N PHE A 20 2.53 5.65 6.83
CA PHE A 20 3.19 4.73 5.90
C PHE A 20 2.18 4.13 4.93
N MET A 21 2.62 3.86 3.71
CA MET A 21 1.76 3.28 2.69
C MET A 21 2.51 2.25 1.86
N ILE A 22 1.77 1.28 1.31
CA ILE A 22 2.37 0.23 0.51
C ILE A 22 1.78 0.22 -0.90
N CYS A 23 2.56 -0.27 -1.86
CA CYS A 23 2.12 -0.34 -3.25
C CYS A 23 1.73 -1.76 -3.62
N CYS A 24 0.48 -1.92 -4.07
CA CYS A 24 -0.03 -3.23 -4.46
C CYS A 24 0.01 -3.40 -5.97
N ASP A 25 0.75 -4.40 -6.43
CA ASP A 25 0.87 -4.68 -7.86
C ASP A 25 -0.37 -5.38 -8.39
N ARG A 26 -1.08 -6.07 -7.50
CA ARG A 26 -2.29 -6.79 -7.88
C ARG A 26 -3.28 -5.87 -8.57
N CYS A 27 -3.70 -4.81 -7.87
CA CYS A 27 -4.64 -3.86 -8.42
C CYS A 27 -3.92 -2.59 -8.87
N GLU A 28 -2.64 -2.49 -8.56
CA GLU A 28 -1.84 -1.33 -8.94
C GLU A 28 -2.33 -0.08 -8.20
N GLU A 29 -2.45 -0.19 -6.89
CA GLU A 29 -2.90 0.93 -6.06
C GLU A 29 -2.06 1.06 -4.80
N TRP A 30 -2.47 1.96 -3.91
CA TRP A 30 -1.75 2.18 -2.66
C TRP A 30 -2.63 1.86 -1.46
N PHE A 31 -2.01 1.45 -0.36
CA PHE A 31 -2.74 1.11 0.85
C PHE A 31 -1.96 1.53 2.09
N HIS A 32 -2.61 1.46 3.25
CA HIS A 32 -1.97 1.83 4.51
C HIS A 32 -1.51 0.59 5.27
N GLY A 33 -0.24 0.59 5.68
CA GLY A 33 0.30 -0.54 6.41
C GLY A 33 -0.56 -0.95 7.59
N ASP A 34 -1.21 0.04 8.21
CA ASP A 34 -2.07 -0.21 9.35
C ASP A 34 -3.39 -0.85 8.92
N CYS A 35 -3.93 -0.36 7.80
CA CYS A 35 -5.19 -0.87 7.28
C CYS A 35 -5.03 -2.30 6.79
N VAL A 36 -3.91 -2.58 6.12
CA VAL A 36 -3.64 -3.91 5.59
C VAL A 36 -3.05 -4.82 6.67
N GLY A 37 -2.38 -4.21 7.65
CA GLY A 37 -1.79 -4.98 8.72
C GLY A 37 -0.27 -5.02 8.64
N ILE A 38 0.26 -4.64 7.48
CA ILE A 38 1.71 -4.64 7.27
C ILE A 38 2.39 -3.65 8.20
N SER A 39 3.57 -4.01 8.70
CA SER A 39 4.33 -3.15 9.59
C SER A 39 5.35 -2.32 8.81
N GLU A 40 5.66 -1.14 9.34
CA GLU A 40 6.62 -0.25 8.70
C GLU A 40 7.92 -0.98 8.39
N ALA A 41 8.24 -1.97 9.22
CA ALA A 41 9.46 -2.75 9.04
C ALA A 41 9.31 -3.75 7.90
N ARG A 42 8.16 -4.41 7.86
CA ARG A 42 7.89 -5.41 6.82
C ARG A 42 7.73 -4.74 5.46
N GLY A 43 6.89 -3.71 5.40
CA GLY A 43 6.67 -3.01 4.16
C GLY A 43 7.96 -2.55 3.50
N ARG A 44 8.97 -2.28 4.33
CA ARG A 44 10.26 -1.83 3.83
C ARG A 44 11.06 -2.99 3.25
N LEU A 45 11.00 -4.13 3.93
CA LEU A 45 11.72 -5.32 3.48
C LEU A 45 11.36 -5.66 2.04
N LEU A 46 10.07 -5.73 1.75
CA LEU A 46 9.60 -6.04 0.41
C LEU A 46 9.97 -4.92 -0.56
N GLU A 47 10.12 -3.71 -0.04
CA GLU A 47 10.47 -2.55 -0.87
C GLU A 47 11.93 -2.62 -1.30
N ARG A 48 12.79 -3.08 -0.39
CA ARG A 48 14.21 -3.18 -0.67
C ARG A 48 14.53 -4.47 -1.42
N ASN A 49 13.89 -5.56 -1.01
CA ASN A 49 14.10 -6.86 -1.64
C ASN A 49 13.34 -6.95 -2.96
N GLY A 50 12.29 -6.14 -3.09
CA GLY A 50 11.50 -6.14 -4.30
C GLY A 50 10.51 -7.29 -4.35
N GLU A 51 9.77 -7.48 -3.27
CA GLU A 51 8.78 -8.55 -3.19
C GLU A 51 7.38 -8.03 -3.50
N ASP A 52 6.85 -8.41 -4.64
CA ASP A 52 5.52 -7.98 -5.05
C ASP A 52 4.50 -8.26 -3.95
N TYR A 53 4.07 -7.20 -3.27
CA TYR A 53 3.10 -7.34 -2.18
C TYR A 53 1.67 -7.23 -2.71
N ILE A 54 0.76 -7.96 -2.07
CA ILE A 54 -0.64 -7.95 -2.49
C ILE A 54 -1.56 -7.67 -1.30
N CYS A 55 -2.18 -6.51 -1.29
CA CYS A 55 -3.09 -6.13 -0.22
C CYS A 55 -4.05 -7.26 0.11
N PRO A 56 -4.57 -7.26 1.34
CA PRO A 56 -5.52 -8.29 1.80
C PRO A 56 -6.88 -8.17 1.12
N ASN A 57 -7.06 -7.10 0.34
CA ASN A 57 -8.31 -6.88 -0.36
C ASN A 57 -8.36 -7.68 -1.66
N CYS A 58 -7.24 -7.71 -2.38
CA CYS A 58 -7.15 -8.45 -3.63
C CYS A 58 -7.02 -9.94 -3.38
N THR A 59 -6.17 -10.30 -2.42
CA THR A 59 -5.94 -11.70 -2.08
C THR A 59 -7.26 -12.43 -1.86
N ILE A 60 -8.26 -11.69 -1.39
CA ILE A 60 -9.58 -12.27 -1.13
C ILE A 60 -10.59 -11.85 -2.20
N LEU A 61 -10.32 -10.71 -2.83
CA LEU A 61 -11.20 -10.20 -3.87
C LEU A 61 -10.44 -9.97 -5.17
N GLY A 1 0.83 6.22 -15.26
CA GLY A 1 0.18 6.14 -13.98
C GLY A 1 1.14 6.37 -12.83
N SER A 2 0.95 7.46 -12.10
CA SER A 2 1.81 7.80 -10.97
C SER A 2 0.99 8.28 -9.78
N MET A 3 1.45 7.95 -8.58
CA MET A 3 0.76 8.36 -7.35
C MET A 3 0.66 9.88 -7.26
N ASP A 4 -0.55 10.38 -7.07
CA ASP A 4 -0.78 11.81 -6.96
C ASP A 4 -0.71 12.26 -5.50
N PRO A 5 -0.49 13.57 -5.30
CA PRO A 5 -0.39 14.15 -3.95
C PRO A 5 -1.73 14.15 -3.23
N ASN A 6 -2.78 14.62 -3.91
CA ASN A 6 -4.11 14.67 -3.33
C ASN A 6 -5.02 13.61 -3.94
N ALA A 7 -4.54 12.37 -3.97
CA ALA A 7 -5.31 11.27 -4.52
C ALA A 7 -5.74 10.29 -3.43
N LEU A 8 -6.55 9.30 -3.81
CA LEU A 8 -7.03 8.30 -2.86
C LEU A 8 -6.87 6.90 -3.42
N TYR A 9 -6.54 5.96 -2.55
CA TYR A 9 -6.36 4.57 -2.96
C TYR A 9 -6.82 3.61 -1.87
N CYS A 10 -6.23 3.75 -0.69
CA CYS A 10 -6.58 2.90 0.44
C CYS A 10 -8.09 2.79 0.59
N ILE A 11 -8.54 1.72 1.25
CA ILE A 11 -9.97 1.50 1.45
C ILE A 11 -10.61 2.69 2.15
N CYS A 12 -9.86 3.31 3.07
CA CYS A 12 -10.36 4.46 3.81
C CYS A 12 -10.38 5.70 2.92
N ARG A 13 -9.65 5.65 1.82
CA ARG A 13 -9.58 6.77 0.88
C ARG A 13 -8.94 7.98 1.54
N GLN A 14 -7.64 7.89 1.81
CA GLN A 14 -6.91 8.99 2.44
C GLN A 14 -5.60 9.26 1.71
N PRO A 15 -5.06 10.48 1.91
CA PRO A 15 -3.81 10.88 1.27
C PRO A 15 -2.59 10.14 1.84
N HIS A 16 -1.55 10.01 1.03
CA HIS A 16 -0.34 9.33 1.45
C HIS A 16 0.53 10.23 2.33
N ASN A 17 0.08 11.48 2.48
CA ASN A 17 0.82 12.44 3.29
C ASN A 17 0.39 12.38 4.75
N ASN A 18 0.23 11.16 5.26
CA ASN A 18 -0.18 10.94 6.64
C ASN A 18 0.72 9.92 7.33
N ARG A 19 0.46 8.65 7.06
CA ARG A 19 1.24 7.57 7.66
C ARG A 19 1.86 6.69 6.57
N PHE A 20 2.59 5.66 7.00
CA PHE A 20 3.23 4.73 6.07
C PHE A 20 2.21 4.16 5.08
N MET A 21 2.67 3.88 3.87
CA MET A 21 1.81 3.34 2.83
C MET A 21 2.55 2.29 2.01
N ILE A 22 1.80 1.34 1.46
CA ILE A 22 2.38 0.28 0.64
C ILE A 22 1.81 0.28 -0.77
N CYS A 23 2.59 -0.21 -1.72
CA CYS A 23 2.16 -0.26 -3.12
C CYS A 23 1.80 -1.69 -3.52
N CYS A 24 0.57 -1.86 -4.01
CA CYS A 24 0.10 -3.18 -4.42
C CYS A 24 0.17 -3.32 -5.94
N ASP A 25 0.92 -4.32 -6.40
CA ASP A 25 1.07 -4.56 -7.83
C ASP A 25 -0.16 -5.27 -8.40
N ARG A 26 -0.87 -5.99 -7.54
CA ARG A 26 -2.07 -6.71 -7.95
C ARG A 26 -3.06 -5.77 -8.64
N CYS A 27 -3.48 -4.74 -7.92
CA CYS A 27 -4.44 -3.77 -8.45
C CYS A 27 -3.72 -2.49 -8.88
N GLU A 28 -2.43 -2.40 -8.56
CA GLU A 28 -1.63 -1.23 -8.91
C GLU A 28 -2.13 0.01 -8.17
N GLU A 29 -2.26 -0.11 -6.85
CA GLU A 29 -2.73 1.00 -6.03
C GLU A 29 -1.90 1.11 -4.75
N TRP A 30 -2.31 2.02 -3.87
CA TRP A 30 -1.62 2.23 -2.60
C TRP A 30 -2.52 1.91 -1.42
N PHE A 31 -1.91 1.51 -0.30
CA PHE A 31 -2.66 1.17 0.90
C PHE A 31 -1.91 1.60 2.15
N HIS A 32 -2.57 1.50 3.29
CA HIS A 32 -1.97 1.88 4.57
C HIS A 32 -1.51 0.65 5.35
N GLY A 33 -0.25 0.67 5.77
CA GLY A 33 0.29 -0.45 6.52
C GLY A 33 -0.56 -0.83 7.71
N ASP A 34 -1.25 0.16 8.27
CA ASP A 34 -2.12 -0.08 9.43
C ASP A 34 -3.41 -0.76 9.01
N CYS A 35 -3.97 -0.31 7.89
CA CYS A 35 -5.21 -0.88 7.38
C CYS A 35 -5.01 -2.33 6.94
N VAL A 36 -3.91 -2.57 6.24
CA VAL A 36 -3.59 -3.92 5.75
C VAL A 36 -2.96 -4.76 6.85
N GLY A 37 -2.35 -4.10 7.83
CA GLY A 37 -1.71 -4.80 8.93
C GLY A 37 -0.19 -4.81 8.80
N ILE A 38 0.31 -4.48 7.61
CA ILE A 38 1.75 -4.46 7.37
C ILE A 38 2.42 -3.39 8.22
N SER A 39 3.52 -3.78 8.86
CA SER A 39 4.27 -2.86 9.71
C SER A 39 5.25 -2.03 8.89
N GLU A 40 5.62 -0.86 9.41
CA GLU A 40 6.55 0.01 8.72
C GLU A 40 7.82 -0.74 8.31
N ALA A 41 8.25 -1.66 9.16
CA ALA A 41 9.44 -2.45 8.90
C ALA A 41 9.16 -3.53 7.86
N ARG A 42 8.10 -4.28 8.07
CA ARG A 42 7.72 -5.35 7.15
C ARG A 42 7.53 -4.82 5.74
N GLY A 43 6.77 -3.75 5.62
CA GLY A 43 6.53 -3.14 4.31
C GLY A 43 7.82 -2.72 3.62
N ARG A 44 8.65 -1.98 4.34
CA ARG A 44 9.92 -1.51 3.79
C ARG A 44 10.82 -2.69 3.41
N LEU A 45 10.61 -3.82 4.07
CA LEU A 45 11.42 -5.02 3.81
C LEU A 45 11.15 -5.54 2.40
N LEU A 46 9.87 -5.66 2.05
CA LEU A 46 9.48 -6.14 0.73
C LEU A 46 9.90 -5.15 -0.36
N GLU A 47 9.95 -3.88 0.00
CA GLU A 47 10.33 -2.82 -0.95
C GLU A 47 11.81 -2.93 -1.30
N ARG A 48 12.64 -3.20 -0.30
CA ARG A 48 14.07 -3.32 -0.50
C ARG A 48 14.41 -4.65 -1.18
N ASN A 49 13.63 -5.67 -0.88
CA ASN A 49 13.85 -7.00 -1.46
C ASN A 49 13.26 -7.09 -2.86
N GLY A 50 12.29 -6.22 -3.14
CA GLY A 50 11.65 -6.22 -4.45
C GLY A 50 10.55 -7.25 -4.55
N GLU A 51 9.92 -7.57 -3.42
CA GLU A 51 8.84 -8.55 -3.40
C GLU A 51 7.50 -7.89 -3.68
N ASP A 52 6.84 -8.34 -4.75
CA ASP A 52 5.54 -7.78 -5.14
C ASP A 52 4.49 -8.08 -4.06
N TYR A 53 4.24 -7.09 -3.21
CA TYR A 53 3.26 -7.24 -2.14
C TYR A 53 1.84 -7.15 -2.69
N ILE A 54 0.93 -7.89 -2.06
CA ILE A 54 -0.46 -7.90 -2.48
C ILE A 54 -1.40 -7.65 -1.31
N CYS A 55 -2.05 -6.48 -1.31
CA CYS A 55 -2.97 -6.13 -0.23
C CYS A 55 -3.93 -7.27 0.07
N PRO A 56 -4.46 -7.29 1.30
CA PRO A 56 -5.40 -8.33 1.74
C PRO A 56 -6.75 -8.23 1.05
N ASN A 57 -6.94 -7.16 0.28
CA ASN A 57 -8.19 -6.94 -0.44
C ASN A 57 -8.20 -7.72 -1.74
N CYS A 58 -7.07 -7.72 -2.44
CA CYS A 58 -6.96 -8.43 -3.71
C CYS A 58 -6.82 -9.93 -3.49
N THR A 59 -5.98 -10.30 -2.51
CA THR A 59 -5.75 -11.70 -2.21
C THR A 59 -7.07 -12.45 -2.00
N ILE A 60 -8.08 -11.73 -1.53
CA ILE A 60 -9.39 -12.31 -1.30
C ILE A 60 -10.45 -11.65 -2.17
N LEU A 61 -10.02 -11.06 -3.27
CA LEU A 61 -10.93 -10.39 -4.19
C LEU A 61 -10.20 -9.90 -5.43
N GLY A 1 -1.69 6.10 -14.60
CA GLY A 1 -0.94 7.25 -14.12
C GLY A 1 -0.11 6.93 -12.90
N SER A 2 0.31 7.97 -12.18
CA SER A 2 1.13 7.79 -10.99
C SER A 2 0.39 8.28 -9.75
N MET A 3 0.80 7.78 -8.59
CA MET A 3 0.19 8.17 -7.33
C MET A 3 0.34 9.67 -7.07
N ASP A 4 -0.74 10.31 -6.67
CA ASP A 4 -0.73 11.75 -6.39
C ASP A 4 -1.18 12.03 -4.97
N PRO A 5 -0.84 13.23 -4.47
CA PRO A 5 -1.21 13.65 -3.11
C PRO A 5 -2.71 13.92 -2.98
N ASN A 6 -3.30 14.47 -4.03
CA ASN A 6 -4.73 14.78 -4.02
C ASN A 6 -5.53 13.63 -4.63
N ALA A 7 -5.15 12.40 -4.29
CA ALA A 7 -5.85 11.22 -4.79
C ALA A 7 -6.17 10.24 -3.67
N LEU A 8 -7.01 9.26 -3.97
CA LEU A 8 -7.40 8.26 -2.99
C LEU A 8 -7.19 6.85 -3.52
N TYR A 9 -6.80 5.94 -2.64
CA TYR A 9 -6.56 4.55 -3.02
C TYR A 9 -6.97 3.60 -1.91
N CYS A 10 -6.39 3.80 -0.72
CA CYS A 10 -6.69 2.95 0.43
C CYS A 10 -8.20 2.82 0.62
N ILE A 11 -8.61 1.73 1.27
CA ILE A 11 -10.02 1.48 1.52
C ILE A 11 -10.67 2.66 2.25
N CYS A 12 -9.91 3.28 3.15
CA CYS A 12 -10.40 4.42 3.92
C CYS A 12 -10.49 5.66 3.04
N ARG A 13 -9.88 5.60 1.86
CA ARG A 13 -9.89 6.73 0.93
C ARG A 13 -9.24 7.96 1.56
N GLN A 14 -7.93 7.90 1.75
CA GLN A 14 -7.19 9.01 2.33
C GLN A 14 -5.88 9.25 1.58
N PRO A 15 -5.33 10.45 1.75
CA PRO A 15 -4.08 10.85 1.09
C PRO A 15 -2.87 10.11 1.66
N HIS A 16 -1.83 9.95 0.84
CA HIS A 16 -0.62 9.25 1.27
C HIS A 16 0.26 10.18 2.11
N ASN A 17 -0.17 11.43 2.24
CA ASN A 17 0.59 12.41 3.02
C ASN A 17 0.17 12.39 4.48
N ASN A 18 0.01 11.18 5.02
CA ASN A 18 -0.40 11.01 6.42
C ASN A 18 0.54 10.05 7.14
N ARG A 19 0.32 8.76 6.93
CA ARG A 19 1.14 7.73 7.57
C ARG A 19 1.77 6.81 6.53
N PHE A 20 2.47 5.79 6.99
CA PHE A 20 3.12 4.84 6.09
C PHE A 20 2.14 4.29 5.06
N MET A 21 2.64 4.00 3.86
CA MET A 21 1.80 3.48 2.80
C MET A 21 2.57 2.45 1.96
N ILE A 22 1.85 1.42 1.51
CA ILE A 22 2.47 0.37 0.70
C ILE A 22 1.92 0.38 -0.72
N CYS A 23 2.71 -0.09 -1.67
CA CYS A 23 2.30 -0.14 -3.07
C CYS A 23 1.93 -1.57 -3.47
N CYS A 24 0.72 -1.72 -4.00
CA CYS A 24 0.23 -3.03 -4.43
C CYS A 24 0.30 -3.17 -5.95
N ASP A 25 1.06 -4.15 -6.41
CA ASP A 25 1.21 -4.39 -7.85
C ASP A 25 -0.03 -5.09 -8.41
N ARG A 26 -0.74 -5.81 -7.55
CA ARG A 26 -1.94 -6.53 -7.96
C ARG A 26 -2.92 -5.58 -8.66
N CYS A 27 -3.45 -4.63 -7.90
CA CYS A 27 -4.40 -3.66 -8.43
C CYS A 27 -3.70 -2.38 -8.86
N GLU A 28 -2.42 -2.27 -8.52
CA GLU A 28 -1.63 -1.10 -8.87
C GLU A 28 -2.13 0.12 -8.09
N GLU A 29 -2.25 -0.03 -6.77
CA GLU A 29 -2.71 1.07 -5.93
C GLU A 29 -1.89 1.15 -4.65
N TRP A 30 -2.33 1.97 -3.71
CA TRP A 30 -1.64 2.15 -2.44
C TRP A 30 -2.53 1.76 -1.27
N PHE A 31 -1.91 1.33 -0.18
CA PHE A 31 -2.65 0.92 1.01
C PHE A 31 -1.84 1.22 2.28
N HIS A 32 -2.49 1.89 3.23
CA HIS A 32 -1.85 2.25 4.49
C HIS A 32 -1.37 0.99 5.22
N GLY A 33 -0.10 1.00 5.63
CA GLY A 33 0.45 -0.14 6.34
C GLY A 33 -0.39 -0.54 7.54
N ASP A 34 -1.10 0.42 8.10
CA ASP A 34 -1.94 0.16 9.26
C ASP A 34 -3.21 -0.57 8.85
N CYS A 35 -3.91 -0.04 7.86
CA CYS A 35 -5.14 -0.65 7.36
C CYS A 35 -4.90 -2.09 6.92
N VAL A 36 -3.78 -2.31 6.24
CA VAL A 36 -3.43 -3.63 5.74
C VAL A 36 -2.78 -4.47 6.84
N GLY A 37 -2.17 -3.80 7.82
CA GLY A 37 -1.52 -4.50 8.91
C GLY A 37 -0.01 -4.54 8.76
N ILE A 38 0.47 -4.25 7.56
CA ILE A 38 1.90 -4.24 7.29
C ILE A 38 2.62 -3.23 8.17
N SER A 39 3.72 -3.66 8.78
CA SER A 39 4.50 -2.79 9.65
C SER A 39 5.49 -1.95 8.83
N GLU A 40 6.00 -0.89 9.44
CA GLU A 40 6.95 0.00 8.78
C GLU A 40 8.20 -0.76 8.35
N ALA A 41 8.67 -1.64 9.24
CA ALA A 41 9.86 -2.43 8.95
C ALA A 41 9.56 -3.56 7.97
N ARG A 42 8.33 -4.08 8.04
CA ARG A 42 7.92 -5.16 7.15
C ARG A 42 7.77 -4.66 5.71
N GLY A 43 7.04 -3.55 5.55
CA GLY A 43 6.83 -3.00 4.23
C GLY A 43 8.14 -2.63 3.54
N ARG A 44 9.10 -2.17 4.33
CA ARG A 44 10.40 -1.78 3.80
C ARG A 44 11.22 -3.00 3.39
N LEU A 45 10.96 -4.12 4.06
CA LEU A 45 11.67 -5.36 3.77
C LEU A 45 11.32 -5.88 2.38
N LEU A 46 10.03 -5.82 2.04
CA LEU A 46 9.56 -6.28 0.74
C LEU A 46 10.13 -5.41 -0.39
N GLU A 47 10.35 -4.14 -0.08
CA GLU A 47 10.89 -3.21 -1.06
C GLU A 47 12.37 -3.47 -1.31
N ARG A 48 13.08 -3.83 -0.25
CA ARG A 48 14.52 -4.11 -0.35
C ARG A 48 14.76 -5.45 -1.04
N ASN A 49 13.83 -6.38 -0.85
CA ASN A 49 13.94 -7.70 -1.45
C ASN A 49 13.33 -7.72 -2.85
N GLY A 50 12.42 -6.78 -3.10
CA GLY A 50 11.78 -6.72 -4.40
C GLY A 50 10.62 -7.68 -4.53
N GLU A 51 9.97 -7.99 -3.40
CA GLU A 51 8.84 -8.91 -3.40
C GLU A 51 7.53 -8.17 -3.62
N ASP A 52 6.95 -8.36 -4.80
CA ASP A 52 5.68 -7.71 -5.14
C ASP A 52 4.63 -7.99 -4.07
N TYR A 53 4.38 -7.00 -3.22
CA TYR A 53 3.39 -7.14 -2.15
C TYR A 53 1.97 -7.03 -2.70
N ILE A 54 1.05 -7.76 -2.09
CA ILE A 54 -0.34 -7.75 -2.52
C ILE A 54 -1.27 -7.50 -1.34
N CYS A 55 -1.92 -6.33 -1.34
CA CYS A 55 -2.85 -5.97 -0.27
C CYS A 55 -3.80 -7.13 0.03
N PRO A 56 -4.34 -7.14 1.27
CA PRO A 56 -5.28 -8.18 1.71
C PRO A 56 -6.63 -8.09 1.01
N ASN A 57 -6.81 -7.03 0.23
CA ASN A 57 -8.05 -6.82 -0.51
C ASN A 57 -8.07 -7.63 -1.81
N CYS A 58 -6.93 -7.64 -2.50
CA CYS A 58 -6.82 -8.38 -3.76
C CYS A 58 -6.65 -9.87 -3.49
N THR A 59 -5.81 -10.21 -2.52
CA THR A 59 -5.57 -11.60 -2.17
C THR A 59 -6.87 -12.36 -1.97
N ILE A 60 -7.90 -11.65 -1.51
CA ILE A 60 -9.21 -12.25 -1.28
C ILE A 60 -10.20 -11.85 -2.35
N LEU A 61 -9.95 -10.70 -2.99
CA LEU A 61 -10.82 -10.21 -4.05
C LEU A 61 -10.05 -9.98 -5.34
N GLY A 1 -2.10 6.50 -13.31
CA GLY A 1 -0.77 6.13 -13.76
C GLY A 1 0.28 6.31 -12.68
N SER A 2 0.21 7.43 -11.97
CA SER A 2 1.16 7.73 -10.91
C SER A 2 0.44 8.21 -9.65
N MET A 3 0.95 7.82 -8.49
CA MET A 3 0.36 8.21 -7.21
C MET A 3 0.55 9.71 -6.97
N ASP A 4 -0.52 10.36 -6.52
CA ASP A 4 -0.47 11.80 -6.24
C ASP A 4 -0.92 12.08 -4.81
N PRO A 5 -0.56 13.27 -4.30
CA PRO A 5 -0.92 13.69 -2.94
C PRO A 5 -2.41 13.99 -2.81
N ASN A 6 -3.00 14.50 -3.87
CA ASN A 6 -4.42 14.84 -3.87
C ASN A 6 -5.25 13.71 -4.50
N ALA A 7 -4.89 12.47 -4.15
CA ALA A 7 -5.60 11.31 -4.68
C ALA A 7 -5.94 10.33 -3.57
N LEU A 8 -6.81 9.37 -3.88
CA LEU A 8 -7.22 8.36 -2.90
C LEU A 8 -7.02 6.96 -3.45
N TYR A 9 -6.65 6.03 -2.58
CA TYR A 9 -6.43 4.64 -2.99
C TYR A 9 -6.84 3.68 -1.87
N CYS A 10 -6.25 3.86 -0.69
CA CYS A 10 -6.56 3.01 0.45
C CYS A 10 -8.06 2.89 0.65
N ILE A 11 -8.49 1.81 1.30
CA ILE A 11 -9.91 1.57 1.55
C ILE A 11 -10.52 2.75 2.30
N CYS A 12 -9.75 3.35 3.20
CA CYS A 12 -10.21 4.48 3.98
C CYS A 12 -10.30 5.75 3.12
N ARG A 13 -9.71 5.69 1.94
CA ARG A 13 -9.72 6.83 1.03
C ARG A 13 -9.04 8.04 1.66
N GLN A 14 -7.72 7.96 1.83
CA GLN A 14 -6.97 9.05 2.42
C GLN A 14 -5.66 9.28 1.68
N PRO A 15 -5.08 10.49 1.84
CA PRO A 15 -3.82 10.86 1.18
C PRO A 15 -2.63 10.10 1.75
N HIS A 16 -1.60 9.92 0.92
CA HIS A 16 -0.39 9.21 1.34
C HIS A 16 0.49 10.12 2.19
N ASN A 17 0.09 11.37 2.34
CA ASN A 17 0.85 12.34 3.12
C ASN A 17 0.44 12.30 4.59
N ASN A 18 0.24 11.10 5.12
CA ASN A 18 -0.15 10.92 6.51
C ASN A 18 0.76 9.93 7.22
N ARG A 19 0.52 8.65 7.00
CA ARG A 19 1.31 7.60 7.63
C ARG A 19 1.93 6.68 6.58
N PHE A 20 2.62 5.65 7.04
CA PHE A 20 3.26 4.70 6.14
C PHE A 20 2.26 4.17 5.10
N MET A 21 2.77 3.88 3.90
CA MET A 21 1.92 3.38 2.83
C MET A 21 2.67 2.36 1.98
N ILE A 22 1.96 1.34 1.52
CA ILE A 22 2.56 0.30 0.70
C ILE A 22 1.99 0.31 -0.72
N CYS A 23 2.79 -0.15 -1.68
CA CYS A 23 2.37 -0.20 -3.07
C CYS A 23 1.98 -1.60 -3.48
N CYS A 24 0.77 -1.73 -4.03
CA CYS A 24 0.27 -3.04 -4.46
C CYS A 24 0.33 -3.17 -5.98
N ASP A 25 1.08 -4.16 -6.45
CA ASP A 25 1.23 -4.39 -7.88
C ASP A 25 0.00 -5.08 -8.45
N ARG A 26 -0.73 -5.78 -7.59
CA ARG A 26 -1.94 -6.49 -8.01
C ARG A 26 -2.91 -5.54 -8.70
N CYS A 27 -3.43 -4.58 -7.94
CA CYS A 27 -4.38 -3.61 -8.47
C CYS A 27 -3.67 -2.32 -8.88
N GLU A 28 -2.38 -2.23 -8.55
CA GLU A 28 -1.59 -1.05 -8.87
C GLU A 28 -2.09 0.16 -8.08
N GLU A 29 -2.18 0.01 -6.77
CA GLU A 29 -2.63 1.10 -5.90
C GLU A 29 -1.80 1.17 -4.63
N TRP A 30 -2.24 1.99 -3.68
CA TRP A 30 -1.54 2.14 -2.42
C TRP A 30 -2.43 1.75 -1.24
N PHE A 31 -1.81 1.31 -0.15
CA PHE A 31 -2.55 0.90 1.03
C PHE A 31 -1.74 1.18 2.30
N HIS A 32 -2.37 1.85 3.25
CA HIS A 32 -1.71 2.19 4.51
C HIS A 32 -1.26 0.93 5.24
N GLY A 33 0.02 0.91 5.65
CA GLY A 33 0.55 -0.25 6.34
C GLY A 33 -0.29 -0.65 7.53
N ASP A 34 -0.99 0.32 8.11
CA ASP A 34 -1.85 0.06 9.26
C ASP A 34 -3.13 -0.66 8.85
N CYS A 35 -3.81 -0.11 7.85
CA CYS A 35 -5.06 -0.69 7.36
C CYS A 35 -4.84 -2.12 6.89
N VAL A 36 -3.71 -2.36 6.23
CA VAL A 36 -3.38 -3.68 5.72
C VAL A 36 -2.74 -4.54 6.81
N GLY A 37 -2.12 -3.88 7.79
CA GLY A 37 -1.48 -4.59 8.88
C GLY A 37 0.02 -4.65 8.72
N ILE A 38 0.51 -4.36 7.52
CA ILE A 38 1.94 -4.38 7.25
C ILE A 38 2.68 -3.39 8.13
N SER A 39 3.78 -3.83 8.73
CA SER A 39 4.58 -2.98 9.61
C SER A 39 5.55 -2.13 8.79
N GLU A 40 6.08 -1.08 9.42
CA GLU A 40 7.02 -0.19 8.75
C GLU A 40 8.24 -0.96 8.25
N ALA A 41 8.71 -1.91 9.06
CA ALA A 41 9.86 -2.72 8.70
C ALA A 41 9.50 -3.75 7.64
N ARG A 42 8.41 -4.48 7.87
CA ARG A 42 7.97 -5.50 6.94
C ARG A 42 7.75 -4.90 5.55
N GLY A 43 7.00 -3.81 5.49
CA GLY A 43 6.73 -3.16 4.23
C GLY A 43 7.98 -2.73 3.51
N ARG A 44 8.89 -2.09 4.24
CA ARG A 44 10.15 -1.64 3.66
C ARG A 44 11.03 -2.81 3.26
N LEU A 45 10.85 -3.94 3.93
CA LEU A 45 11.62 -5.14 3.64
C LEU A 45 11.30 -5.67 2.24
N LEU A 46 10.02 -5.75 1.94
CA LEU A 46 9.58 -6.23 0.63
C LEU A 46 10.07 -5.32 -0.49
N GLU A 47 10.21 -4.04 -0.18
CA GLU A 47 10.68 -3.07 -1.16
C GLU A 47 12.16 -3.24 -1.44
N ARG A 48 12.91 -3.70 -0.44
CA ARG A 48 14.34 -3.92 -0.58
C ARG A 48 14.62 -5.24 -1.29
N ASN A 49 13.78 -6.24 -1.03
CA ASN A 49 13.94 -7.55 -1.64
C ASN A 49 13.30 -7.59 -3.01
N GLY A 50 12.35 -6.69 -3.26
CA GLY A 50 11.68 -6.64 -4.54
C GLY A 50 10.52 -7.61 -4.63
N GLU A 51 9.99 -8.00 -3.47
CA GLU A 51 8.86 -8.92 -3.42
C GLU A 51 7.54 -8.19 -3.66
N ASP A 52 6.96 -8.43 -4.83
CA ASP A 52 5.69 -7.79 -5.19
C ASP A 52 4.62 -8.06 -4.12
N TYR A 53 4.36 -7.07 -3.28
CA TYR A 53 3.38 -7.20 -2.22
C TYR A 53 1.96 -7.05 -2.78
N ILE A 54 1.03 -7.78 -2.17
CA ILE A 54 -0.37 -7.74 -2.60
C ILE A 54 -1.29 -7.50 -1.41
N CYS A 55 -1.93 -6.32 -1.39
CA CYS A 55 -2.85 -5.97 -0.32
C CYS A 55 -3.81 -7.12 -0.03
N PRO A 56 -4.34 -7.13 1.20
CA PRO A 56 -5.28 -8.17 1.64
C PRO A 56 -6.64 -8.06 0.94
N ASN A 57 -6.81 -6.99 0.17
CA ASN A 57 -8.07 -6.76 -0.54
C ASN A 57 -8.10 -7.56 -1.85
N CYS A 58 -6.97 -7.59 -2.54
CA CYS A 58 -6.87 -8.31 -3.80
C CYS A 58 -6.73 -9.82 -3.55
N THR A 59 -5.89 -10.18 -2.59
CA THR A 59 -5.68 -11.58 -2.25
C THR A 59 -6.99 -12.31 -2.03
N ILE A 60 -7.99 -11.57 -1.56
CA ILE A 60 -9.31 -12.15 -1.30
C ILE A 60 -10.33 -11.70 -2.35
N LEU A 61 -10.01 -10.60 -3.03
CA LEU A 61 -10.89 -10.07 -4.06
C LEU A 61 -10.08 -9.41 -5.18
N GLY A 1 -1.97 6.40 -13.56
CA GLY A 1 -0.60 6.25 -14.00
C GLY A 1 0.39 6.39 -12.85
N SER A 2 0.35 7.54 -12.19
CA SER A 2 1.26 7.80 -11.07
C SER A 2 0.48 8.28 -9.84
N MET A 3 1.00 7.96 -8.66
CA MET A 3 0.36 8.36 -7.42
C MET A 3 0.45 9.88 -7.22
N ASP A 4 -0.60 10.46 -6.66
CA ASP A 4 -0.64 11.90 -6.42
C ASP A 4 -0.91 12.20 -4.94
N PRO A 5 -0.58 13.41 -4.52
CA PRO A 5 -0.78 13.86 -3.14
C PRO A 5 -2.26 14.03 -2.79
N ASN A 6 -3.00 14.65 -3.69
CA ASN A 6 -4.43 14.89 -3.48
C ASN A 6 -5.25 13.77 -4.10
N ALA A 7 -4.79 12.54 -3.93
CA ALA A 7 -5.50 11.37 -4.48
C ALA A 7 -5.89 10.40 -3.38
N LEU A 8 -6.67 9.39 -3.73
CA LEU A 8 -7.12 8.39 -2.77
C LEU A 8 -6.99 6.98 -3.35
N TYR A 9 -6.64 6.03 -2.49
CA TYR A 9 -6.49 4.64 -2.91
C TYR A 9 -6.92 3.68 -1.81
N CYS A 10 -6.31 3.83 -0.63
CA CYS A 10 -6.63 2.98 0.51
C CYS A 10 -8.14 2.88 0.71
N ILE A 11 -8.58 1.82 1.38
CA ILE A 11 -10.00 1.61 1.63
C ILE A 11 -10.60 2.81 2.34
N CYS A 12 -9.83 3.43 3.23
CA CYS A 12 -10.29 4.60 3.98
C CYS A 12 -10.31 5.84 3.09
N ARG A 13 -9.65 5.75 1.94
CA ARG A 13 -9.59 6.87 1.00
C ARG A 13 -8.92 8.08 1.65
N GLN A 14 -7.62 7.98 1.89
CA GLN A 14 -6.87 9.06 2.50
C GLN A 14 -5.57 9.33 1.74
N PRO A 15 -5.01 10.54 1.93
CA PRO A 15 -3.77 10.94 1.26
C PRO A 15 -2.55 10.19 1.81
N HIS A 16 -1.54 10.03 0.96
CA HIS A 16 -0.31 9.33 1.35
C HIS A 16 0.58 10.24 2.20
N ASN A 17 0.16 11.49 2.36
CA ASN A 17 0.93 12.45 3.15
C ASN A 17 0.53 12.39 4.62
N ASN A 18 0.39 11.17 5.14
CA ASN A 18 0.02 10.98 6.54
C ASN A 18 0.93 9.97 7.21
N ARG A 19 0.67 8.69 6.97
CA ARG A 19 1.48 7.61 7.54
C ARG A 19 2.07 6.72 6.45
N PHE A 20 2.74 5.66 6.87
CA PHE A 20 3.34 4.72 5.93
C PHE A 20 2.31 4.16 4.96
N MET A 21 2.74 3.88 3.73
CA MET A 21 1.84 3.34 2.72
C MET A 21 2.56 2.30 1.87
N ILE A 22 1.80 1.35 1.33
CA ILE A 22 2.36 0.30 0.50
C ILE A 22 1.73 0.30 -0.90
N CYS A 23 2.49 -0.16 -1.89
CA CYS A 23 2.00 -0.21 -3.26
C CYS A 23 1.63 -1.63 -3.64
N CYS A 24 0.39 -1.81 -4.10
CA CYS A 24 -0.10 -3.12 -4.50
C CYS A 24 -0.07 -3.27 -6.02
N ASP A 25 0.66 -4.27 -6.50
CA ASP A 25 0.77 -4.52 -7.93
C ASP A 25 -0.47 -5.22 -8.45
N ARG A 26 -1.17 -5.94 -7.58
CA ARG A 26 -2.39 -6.65 -7.96
C ARG A 26 -3.39 -5.70 -8.62
N CYS A 27 -3.77 -4.65 -7.90
CA CYS A 27 -4.72 -3.68 -8.41
C CYS A 27 -4.01 -2.40 -8.86
N GLU A 28 -2.71 -2.33 -8.57
CA GLU A 28 -1.92 -1.17 -8.95
C GLU A 28 -2.39 0.08 -8.19
N GLU A 29 -2.49 -0.04 -6.86
CA GLU A 29 -2.92 1.07 -6.03
C GLU A 29 -2.06 1.18 -4.77
N TRP A 30 -2.46 2.06 -3.86
CA TRP A 30 -1.73 2.26 -2.62
C TRP A 30 -2.60 1.96 -1.42
N PHE A 31 -1.98 1.53 -0.32
CA PHE A 31 -2.71 1.21 0.90
C PHE A 31 -1.91 1.63 2.13
N HIS A 32 -2.56 1.54 3.29
CA HIS A 32 -1.91 1.91 4.55
C HIS A 32 -1.45 0.67 5.30
N GLY A 33 -0.17 0.68 5.72
CA GLY A 33 0.37 -0.45 6.45
C GLY A 33 -0.48 -0.84 7.64
N ASP A 34 -1.14 0.14 8.24
CA ASP A 34 -1.99 -0.10 9.40
C ASP A 34 -3.31 -0.74 8.99
N CYS A 35 -3.83 -0.32 7.84
CA CYS A 35 -5.08 -0.85 7.32
C CYS A 35 -4.91 -2.29 6.84
N VAL A 36 -3.80 -2.54 6.14
CA VAL A 36 -3.51 -3.87 5.63
C VAL A 36 -2.89 -4.75 6.70
N GLY A 37 -2.24 -4.13 7.67
CA GLY A 37 -1.61 -4.88 8.74
C GLY A 37 -0.10 -4.87 8.64
N ILE A 38 0.41 -4.49 7.48
CA ILE A 38 1.86 -4.45 7.25
C ILE A 38 2.51 -3.38 8.13
N SER A 39 3.60 -3.75 8.78
CA SER A 39 4.32 -2.81 9.65
C SER A 39 5.34 -2.01 8.84
N GLU A 40 5.63 -0.80 9.32
CA GLU A 40 6.59 0.08 8.66
C GLU A 40 7.90 -0.65 8.39
N ALA A 41 8.30 -1.50 9.32
CA ALA A 41 9.53 -2.27 9.18
C ALA A 41 9.37 -3.42 8.21
N ARG A 42 8.14 -3.93 8.10
CA ARG A 42 7.85 -5.04 7.20
C ARG A 42 7.84 -4.57 5.75
N GLY A 43 7.07 -3.51 5.49
CA GLY A 43 6.98 -2.97 4.14
C GLY A 43 8.30 -2.40 3.65
N ARG A 44 9.02 -1.75 4.55
CA ARG A 44 10.31 -1.14 4.21
C ARG A 44 11.27 -2.20 3.66
N LEU A 45 11.13 -3.43 4.14
CA LEU A 45 11.98 -4.52 3.71
C LEU A 45 11.57 -5.03 2.32
N LEU A 46 10.27 -4.97 2.05
CA LEU A 46 9.74 -5.41 0.76
C LEU A 46 10.43 -4.69 -0.39
N GLU A 47 10.93 -3.49 -0.11
CA GLU A 47 11.63 -2.70 -1.13
C GLU A 47 12.97 -3.33 -1.49
N ARG A 48 13.56 -4.05 -0.54
CA ARG A 48 14.84 -4.70 -0.76
C ARG A 48 14.66 -5.99 -1.57
N ASN A 49 13.74 -6.83 -1.13
CA ASN A 49 13.47 -8.09 -1.80
C ASN A 49 12.69 -7.86 -3.09
N GLY A 50 12.05 -6.70 -3.19
CA GLY A 50 11.27 -6.39 -4.37
C GLY A 50 10.15 -7.38 -4.61
N GLU A 51 9.61 -7.93 -3.53
CA GLU A 51 8.53 -8.90 -3.64
C GLU A 51 7.18 -8.21 -3.84
N ASP A 52 6.59 -8.41 -5.01
CA ASP A 52 5.31 -7.80 -5.33
C ASP A 52 4.28 -8.09 -4.23
N TYR A 53 4.02 -7.09 -3.40
CA TYR A 53 3.06 -7.24 -2.31
C TYR A 53 1.63 -7.12 -2.82
N ILE A 54 0.73 -7.86 -2.19
CA ILE A 54 -0.68 -7.84 -2.58
C ILE A 54 -1.58 -7.59 -1.38
N CYS A 55 -2.22 -6.42 -1.34
CA CYS A 55 -3.11 -6.06 -0.25
C CYS A 55 -4.06 -7.20 0.07
N PRO A 56 -4.57 -7.23 1.31
CA PRO A 56 -5.51 -8.26 1.77
C PRO A 56 -6.88 -8.13 1.11
N ASN A 57 -7.07 -7.05 0.35
CA ASN A 57 -8.33 -6.81 -0.33
C ASN A 57 -8.40 -7.59 -1.64
N CYS A 58 -7.28 -7.61 -2.37
CA CYS A 58 -7.22 -8.33 -3.64
C CYS A 58 -7.10 -9.82 -3.42
N THR A 59 -6.25 -10.22 -2.48
CA THR A 59 -6.04 -11.63 -2.17
C THR A 59 -7.36 -12.33 -1.93
N ILE A 60 -8.35 -11.59 -1.42
CA ILE A 60 -9.65 -12.15 -1.14
C ILE A 60 -10.73 -11.49 -1.99
N LEU A 61 -10.32 -10.91 -3.11
CA LEU A 61 -11.25 -10.24 -4.02
C LEU A 61 -12.35 -11.19 -4.48
N GLY A 1 -2.73 5.25 -13.10
CA GLY A 1 -1.69 6.26 -13.27
C GLY A 1 -0.80 6.38 -12.05
N SER A 2 0.17 7.29 -12.13
CA SER A 2 1.11 7.49 -11.02
C SER A 2 0.39 7.96 -9.78
N MET A 3 0.93 7.61 -8.62
CA MET A 3 0.33 8.00 -7.34
C MET A 3 0.53 9.50 -7.09
N ASP A 4 -0.53 10.16 -6.62
CA ASP A 4 -0.47 11.58 -6.33
C ASP A 4 -0.88 11.86 -4.89
N PRO A 5 -0.49 13.05 -4.38
CA PRO A 5 -0.81 13.46 -3.02
C PRO A 5 -2.30 13.76 -2.83
N ASN A 6 -2.91 14.35 -3.85
CA ASN A 6 -4.33 14.69 -3.81
C ASN A 6 -5.18 13.58 -4.42
N ALA A 7 -4.81 12.33 -4.14
CA ALA A 7 -5.54 11.19 -4.67
C ALA A 7 -5.91 10.21 -3.56
N LEU A 8 -6.77 9.25 -3.87
CA LEU A 8 -7.19 8.25 -2.90
C LEU A 8 -7.02 6.84 -3.45
N TYR A 9 -6.65 5.91 -2.57
CA TYR A 9 -6.45 4.52 -2.96
C TYR A 9 -6.87 3.57 -1.85
N CYS A 10 -6.26 3.74 -0.68
CA CYS A 10 -6.56 2.89 0.47
C CYS A 10 -8.07 2.80 0.69
N ILE A 11 -8.50 1.72 1.33
CA ILE A 11 -9.91 1.51 1.60
C ILE A 11 -10.52 2.69 2.35
N CYS A 12 -9.72 3.27 3.26
CA CYS A 12 -10.18 4.40 4.05
C CYS A 12 -10.28 5.66 3.18
N ARG A 13 -9.66 5.62 2.01
CA ARG A 13 -9.68 6.75 1.09
C ARG A 13 -8.98 7.96 1.71
N GLN A 14 -7.67 7.88 1.86
CA GLN A 14 -6.90 8.98 2.43
C GLN A 14 -5.58 9.17 1.68
N PRO A 15 -5.00 10.37 1.81
CA PRO A 15 -3.74 10.72 1.16
C PRO A 15 -2.55 9.96 1.74
N HIS A 16 -1.52 9.76 0.92
CA HIS A 16 -0.32 9.04 1.36
C HIS A 16 0.58 9.95 2.19
N ASN A 17 0.18 11.22 2.31
CA ASN A 17 0.96 12.19 3.06
C ASN A 17 0.53 12.19 4.54
N ASN A 18 0.34 11.00 5.09
CA ASN A 18 -0.06 10.87 6.48
C ASN A 18 0.79 9.82 7.20
N ARG A 19 0.50 8.55 6.94
CA ARG A 19 1.24 7.46 7.55
C ARG A 19 1.86 6.55 6.50
N PHE A 20 2.62 5.55 6.95
CA PHE A 20 3.28 4.62 6.04
C PHE A 20 2.28 4.04 5.04
N MET A 21 2.73 3.85 3.81
CA MET A 21 1.88 3.30 2.76
C MET A 21 2.64 2.27 1.92
N ILE A 22 1.94 1.24 1.48
CA ILE A 22 2.55 0.19 0.66
C ILE A 22 1.99 0.21 -0.76
N CYS A 23 2.79 -0.28 -1.70
CA CYS A 23 2.38 -0.32 -3.10
C CYS A 23 1.97 -1.74 -3.50
N CYS A 24 0.75 -1.88 -4.02
CA CYS A 24 0.25 -3.17 -4.44
C CYS A 24 0.31 -3.32 -5.96
N ASP A 25 1.05 -4.32 -6.43
CA ASP A 25 1.19 -4.56 -7.85
C ASP A 25 -0.06 -5.24 -8.42
N ARG A 26 -0.79 -5.94 -7.55
CA ARG A 26 -2.00 -6.63 -7.96
C ARG A 26 -2.97 -5.68 -8.66
N CYS A 27 -3.48 -4.71 -7.90
CA CYS A 27 -4.42 -3.74 -8.45
C CYS A 27 -3.69 -2.46 -8.86
N GLU A 28 -2.41 -2.38 -8.53
CA GLU A 28 -1.60 -1.21 -8.87
C GLU A 28 -2.08 0.01 -8.10
N GLU A 29 -2.19 -0.13 -6.78
CA GLU A 29 -2.64 0.96 -5.93
C GLU A 29 -1.81 1.03 -4.65
N TRP A 30 -2.24 1.85 -3.71
CA TRP A 30 -1.54 2.01 -2.44
C TRP A 30 -2.43 1.64 -1.27
N PHE A 31 -1.82 1.18 -0.18
CA PHE A 31 -2.56 0.79 1.01
C PHE A 31 -1.76 1.07 2.28
N HIS A 32 -2.37 1.74 3.24
CA HIS A 32 -1.72 2.07 4.49
C HIS A 32 -1.24 0.80 5.21
N GLY A 33 0.03 0.79 5.61
CA GLY A 33 0.57 -0.36 6.30
C GLY A 33 -0.27 -0.78 7.50
N ASP A 34 -0.96 0.19 8.09
CA ASP A 34 -1.81 -0.08 9.25
C ASP A 34 -3.10 -0.77 8.83
N CYS A 35 -3.78 -0.20 7.84
CA CYS A 35 -5.03 -0.76 7.36
C CYS A 35 -4.83 -2.19 6.88
N VAL A 36 -3.70 -2.45 6.23
CA VAL A 36 -3.39 -3.78 5.72
C VAL A 36 -2.77 -4.65 6.81
N GLY A 37 -2.10 -4.02 7.76
CA GLY A 37 -1.46 -4.75 8.84
C GLY A 37 0.05 -4.80 8.71
N ILE A 38 0.54 -4.49 7.52
CA ILE A 38 1.97 -4.51 7.26
C ILE A 38 2.70 -3.51 8.15
N SER A 39 3.85 -3.91 8.69
CA SER A 39 4.63 -3.05 9.56
C SER A 39 5.59 -2.19 8.76
N GLU A 40 6.06 -1.10 9.36
CA GLU A 40 6.98 -0.19 8.70
C GLU A 40 8.23 -0.93 8.22
N ALA A 41 8.68 -1.89 9.02
CA ALA A 41 9.86 -2.68 8.69
C ALA A 41 9.56 -3.70 7.62
N ARG A 42 8.50 -4.48 7.83
CA ARG A 42 8.09 -5.51 6.87
C ARG A 42 7.84 -4.90 5.50
N GLY A 43 7.05 -3.84 5.47
CA GLY A 43 6.73 -3.18 4.21
C GLY A 43 7.97 -2.68 3.50
N ARG A 44 8.85 -2.00 4.24
CA ARG A 44 10.08 -1.46 3.67
C ARG A 44 11.01 -2.58 3.21
N LEU A 45 10.91 -3.72 3.89
CA LEU A 45 11.74 -4.88 3.54
C LEU A 45 11.44 -5.37 2.13
N LEU A 46 10.16 -5.59 1.84
CA LEU A 46 9.74 -6.06 0.54
C LEU A 46 10.15 -5.08 -0.55
N GLU A 47 10.29 -3.82 -0.18
CA GLU A 47 10.68 -2.78 -1.13
C GLU A 47 12.15 -2.93 -1.52
N ARG A 48 12.97 -3.34 -0.57
CA ARG A 48 14.40 -3.52 -0.81
C ARG A 48 14.65 -4.85 -1.52
N ASN A 49 13.94 -5.89 -1.11
CA ASN A 49 14.10 -7.21 -1.70
C ASN A 49 13.41 -7.28 -3.06
N GLY A 50 12.42 -6.41 -3.26
CA GLY A 50 11.69 -6.38 -4.51
C GLY A 50 10.60 -7.43 -4.56
N GLU A 51 9.94 -7.65 -3.43
CA GLU A 51 8.86 -8.63 -3.34
C GLU A 51 7.52 -7.99 -3.68
N ASP A 52 6.87 -8.50 -4.73
CA ASP A 52 5.58 -7.98 -5.16
C ASP A 52 4.52 -8.23 -4.09
N TYR A 53 4.31 -7.24 -3.23
CA TYR A 53 3.32 -7.36 -2.16
C TYR A 53 1.91 -7.22 -2.72
N ILE A 54 0.97 -7.93 -2.10
CA ILE A 54 -0.42 -7.89 -2.53
C ILE A 54 -1.35 -7.62 -1.35
N CYS A 55 -1.97 -6.45 -1.35
CA CYS A 55 -2.89 -6.07 -0.28
C CYS A 55 -3.87 -7.20 0.03
N PRO A 56 -4.41 -7.20 1.26
CA PRO A 56 -5.36 -8.22 1.70
C PRO A 56 -6.71 -8.10 1.00
N ASN A 57 -6.87 -7.05 0.22
CA ASN A 57 -8.12 -6.82 -0.52
C ASN A 57 -8.15 -7.62 -1.81
N CYS A 58 -7.02 -7.66 -2.50
CA CYS A 58 -6.92 -8.40 -3.76
C CYS A 58 -6.78 -9.89 -3.49
N THR A 59 -5.95 -10.25 -2.52
CA THR A 59 -5.73 -11.64 -2.18
C THR A 59 -7.05 -12.38 -1.96
N ILE A 60 -8.05 -11.64 -1.52
CA ILE A 60 -9.37 -12.21 -1.27
C ILE A 60 -10.36 -11.79 -2.35
N LEU A 61 -10.09 -10.66 -2.99
CA LEU A 61 -10.95 -10.15 -4.04
C LEU A 61 -10.17 -9.93 -5.33
N GLY A 1 -0.78 4.53 -14.46
CA GLY A 1 -0.75 5.91 -14.05
C GLY A 1 0.31 6.18 -12.99
N SER A 2 0.03 7.13 -12.10
CA SER A 2 0.96 7.47 -11.03
C SER A 2 0.22 7.95 -9.79
N MET A 3 0.81 7.71 -8.63
CA MET A 3 0.21 8.11 -7.36
C MET A 3 0.41 9.61 -7.11
N ASP A 4 -0.64 10.27 -6.64
CA ASP A 4 -0.59 11.70 -6.35
C ASP A 4 -1.05 11.99 -4.93
N PRO A 5 -0.67 13.17 -4.41
CA PRO A 5 -1.05 13.59 -3.06
C PRO A 5 -2.53 13.91 -2.94
N ASN A 6 -3.10 14.49 -4.00
CA ASN A 6 -4.52 14.84 -4.00
C ASN A 6 -5.35 13.72 -4.61
N ALA A 7 -5.04 12.48 -4.24
CA ALA A 7 -5.76 11.32 -4.75
C ALA A 7 -6.07 10.34 -3.63
N LEU A 8 -6.91 9.36 -3.93
CA LEU A 8 -7.31 8.35 -2.95
C LEU A 8 -7.10 6.94 -3.50
N TYR A 9 -6.72 6.02 -2.62
CA TYR A 9 -6.50 4.63 -3.03
C TYR A 9 -6.90 3.67 -1.91
N CYS A 10 -6.30 3.85 -0.74
CA CYS A 10 -6.60 3.00 0.41
C CYS A 10 -8.10 2.88 0.62
N ILE A 11 -8.52 1.80 1.26
CA ILE A 11 -9.93 1.56 1.54
C ILE A 11 -10.55 2.73 2.30
N CYS A 12 -9.76 3.33 3.18
CA CYS A 12 -10.22 4.47 3.97
C CYS A 12 -10.32 5.72 3.11
N ARG A 13 -9.72 5.69 1.93
CA ARG A 13 -9.74 6.82 1.01
C ARG A 13 -9.07 8.03 1.64
N GLN A 14 -7.74 7.96 1.79
CA GLN A 14 -6.98 9.05 2.37
C GLN A 14 -5.68 9.28 1.61
N PRO A 15 -5.11 10.48 1.77
CA PRO A 15 -3.85 10.85 1.10
C PRO A 15 -2.66 10.10 1.66
N HIS A 16 -1.63 9.92 0.84
CA HIS A 16 -0.41 9.21 1.25
C HIS A 16 0.47 10.12 2.09
N ASN A 17 0.07 11.38 2.22
CA ASN A 17 0.84 12.34 2.99
C ASN A 17 0.43 12.32 4.47
N ASN A 18 0.26 11.12 5.01
CA ASN A 18 -0.13 10.96 6.40
C ASN A 18 0.78 9.97 7.12
N ARG A 19 0.54 8.68 6.90
CA ARG A 19 1.35 7.64 7.53
C ARG A 19 1.95 6.72 6.47
N PHE A 20 2.65 5.68 6.93
CA PHE A 20 3.28 4.73 6.04
C PHE A 20 2.27 4.20 5.01
N MET A 21 2.76 3.90 3.81
CA MET A 21 1.91 3.38 2.75
C MET A 21 2.65 2.35 1.90
N ILE A 22 1.93 1.35 1.43
CA ILE A 22 2.52 0.30 0.60
C ILE A 22 1.95 0.32 -0.80
N CYS A 23 2.74 -0.14 -1.77
CA CYS A 23 2.30 -0.19 -3.16
C CYS A 23 1.91 -1.60 -3.56
N CYS A 24 0.70 -1.74 -4.09
CA CYS A 24 0.20 -3.05 -4.52
C CYS A 24 0.25 -3.17 -6.04
N ASP A 25 1.00 -4.16 -6.52
CA ASP A 25 1.14 -4.38 -7.96
C ASP A 25 -0.10 -5.08 -8.51
N ARG A 26 -0.82 -5.80 -7.64
CA ARG A 26 -2.03 -6.51 -8.05
C ARG A 26 -3.01 -5.56 -8.73
N CYS A 27 -3.52 -4.61 -7.97
CA CYS A 27 -4.49 -3.64 -8.49
C CYS A 27 -3.78 -2.35 -8.90
N GLU A 28 -2.49 -2.25 -8.59
CA GLU A 28 -1.71 -1.07 -8.92
C GLU A 28 -2.20 0.14 -8.13
N GLU A 29 -2.27 0.00 -6.81
CA GLU A 29 -2.73 1.08 -5.95
C GLU A 29 -1.88 1.15 -4.68
N TRP A 30 -2.32 1.97 -3.73
CA TRP A 30 -1.61 2.13 -2.47
C TRP A 30 -2.49 1.74 -1.29
N PHE A 31 -1.86 1.30 -0.20
CA PHE A 31 -2.60 0.89 0.99
C PHE A 31 -1.77 1.18 2.25
N HIS A 32 -2.41 1.82 3.22
CA HIS A 32 -1.75 2.16 4.48
C HIS A 32 -1.30 0.89 5.21
N GLY A 33 -0.03 0.87 5.62
CA GLY A 33 0.49 -0.28 6.32
C GLY A 33 -0.36 -0.67 7.52
N ASP A 34 -1.05 0.30 8.09
CA ASP A 34 -1.91 0.06 9.25
C ASP A 34 -3.20 -0.65 8.83
N CYS A 35 -3.85 -0.12 7.80
CA CYS A 35 -5.09 -0.69 7.31
C CYS A 35 -4.89 -2.13 6.85
N VAL A 36 -3.76 -2.37 6.19
CA VAL A 36 -3.43 -3.70 5.69
C VAL A 36 -2.83 -4.57 6.78
N GLY A 37 -2.22 -3.91 7.78
CA GLY A 37 -1.60 -4.63 8.88
C GLY A 37 -0.09 -4.68 8.76
N ILE A 38 0.42 -4.39 7.58
CA ILE A 38 1.86 -4.40 7.35
C ILE A 38 2.56 -3.37 8.21
N SER A 39 3.62 -3.80 8.90
CA SER A 39 4.38 -2.91 9.77
C SER A 39 5.40 -2.12 8.97
N GLU A 40 5.72 -0.92 9.46
CA GLU A 40 6.70 -0.06 8.79
C GLU A 40 8.00 -0.81 8.52
N ALA A 41 8.35 -1.71 9.43
CA ALA A 41 9.57 -2.50 9.29
C ALA A 41 9.39 -3.61 8.26
N ARG A 42 8.18 -4.15 8.18
CA ARG A 42 7.88 -5.22 7.24
C ARG A 42 7.79 -4.68 5.81
N GLY A 43 7.00 -3.63 5.63
CA GLY A 43 6.84 -3.03 4.32
C GLY A 43 8.16 -2.61 3.71
N ARG A 44 9.08 -2.15 4.55
CA ARG A 44 10.40 -1.71 4.09
C ARG A 44 11.26 -2.91 3.69
N LEU A 45 10.97 -4.07 4.29
CA LEU A 45 11.72 -5.28 3.99
C LEU A 45 11.41 -5.79 2.59
N LEU A 46 10.14 -5.65 2.18
CA LEU A 46 9.71 -6.10 0.86
C LEU A 46 10.30 -5.21 -0.23
N GLU A 47 10.59 -3.96 0.12
CA GLU A 47 11.16 -3.02 -0.83
C GLU A 47 12.61 -3.35 -1.12
N ARG A 48 13.32 -3.84 -0.11
CA ARG A 48 14.72 -4.20 -0.26
C ARG A 48 14.87 -5.55 -0.95
N ASN A 49 13.87 -6.41 -0.79
CA ASN A 49 13.89 -7.74 -1.39
C ASN A 49 13.31 -7.70 -2.80
N GLY A 50 12.48 -6.69 -3.06
CA GLY A 50 11.87 -6.55 -4.37
C GLY A 50 10.75 -7.56 -4.60
N GLU A 51 9.96 -7.79 -3.56
CA GLU A 51 8.85 -8.74 -3.65
C GLU A 51 7.53 -8.01 -3.90
N ASP A 52 6.87 -8.35 -4.99
CA ASP A 52 5.60 -7.74 -5.35
C ASP A 52 4.54 -8.02 -4.28
N TYR A 53 4.32 -7.04 -3.40
CA TYR A 53 3.35 -7.18 -2.32
C TYR A 53 1.93 -7.04 -2.86
N ILE A 54 1.00 -7.78 -2.25
CA ILE A 54 -0.40 -7.74 -2.66
C ILE A 54 -1.32 -7.50 -1.46
N CYS A 55 -1.95 -6.33 -1.44
CA CYS A 55 -2.86 -5.98 -0.35
C CYS A 55 -3.81 -7.13 -0.05
N PRO A 56 -4.33 -7.15 1.19
CA PRO A 56 -5.27 -8.20 1.64
C PRO A 56 -6.63 -8.09 0.96
N ASN A 57 -6.81 -7.02 0.19
CA ASN A 57 -8.07 -6.80 -0.52
C ASN A 57 -8.11 -7.61 -1.82
N CYS A 58 -6.99 -7.62 -2.53
CA CYS A 58 -6.90 -8.35 -3.79
C CYS A 58 -6.76 -9.85 -3.55
N THR A 59 -5.91 -10.21 -2.59
CA THR A 59 -5.68 -11.61 -2.25
C THR A 59 -7.00 -12.34 -2.02
N ILE A 60 -8.00 -11.61 -1.55
CA ILE A 60 -9.31 -12.18 -1.28
C ILE A 60 -10.39 -11.54 -2.15
N LEU A 61 -9.96 -10.98 -3.28
CA LEU A 61 -10.89 -10.33 -4.21
C LEU A 61 -10.17 -9.92 -5.49
N GLY A 1 0.07 5.49 -13.45
CA GLY A 1 1.38 4.99 -13.07
C GLY A 1 1.81 5.46 -11.70
N SER A 2 2.21 6.72 -11.60
CA SER A 2 2.66 7.29 -10.34
C SER A 2 1.49 7.90 -9.58
N MET A 3 1.38 7.55 -8.30
CA MET A 3 0.30 8.08 -7.47
C MET A 3 0.49 9.57 -7.21
N ASP A 4 -0.55 10.20 -6.66
CA ASP A 4 -0.51 11.63 -6.36
C ASP A 4 -0.86 11.89 -4.90
N PRO A 5 -0.48 13.07 -4.40
CA PRO A 5 -0.75 13.47 -3.01
C PRO A 5 -2.23 13.74 -2.76
N ASN A 6 -2.87 14.39 -3.74
CA ASN A 6 -4.29 14.71 -3.62
C ASN A 6 -5.15 13.62 -4.26
N ALA A 7 -4.79 12.36 -4.00
CA ALA A 7 -5.52 11.23 -4.55
C ALA A 7 -5.94 10.27 -3.45
N LEU A 8 -6.74 9.27 -3.81
CA LEU A 8 -7.21 8.28 -2.86
C LEU A 8 -7.05 6.86 -3.42
N TYR A 9 -6.71 5.93 -2.55
CA TYR A 9 -6.52 4.54 -2.94
C TYR A 9 -6.95 3.59 -1.84
N CYS A 10 -6.34 3.73 -0.67
CA CYS A 10 -6.66 2.89 0.48
C CYS A 10 -8.16 2.78 0.67
N ILE A 11 -8.59 1.71 1.34
CA ILE A 11 -10.01 1.49 1.59
C ILE A 11 -10.65 2.69 2.29
N CYS A 12 -9.88 3.30 3.19
CA CYS A 12 -10.37 4.46 3.93
C CYS A 12 -10.41 5.70 3.03
N ARG A 13 -9.71 5.63 1.90
CA ARG A 13 -9.66 6.75 0.97
C ARG A 13 -9.01 7.96 1.61
N GLN A 14 -7.70 7.88 1.84
CA GLN A 14 -6.97 8.98 2.45
C GLN A 14 -5.67 9.25 1.70
N PRO A 15 -5.12 10.46 1.86
CA PRO A 15 -3.88 10.86 1.21
C PRO A 15 -2.66 10.13 1.77
N HIS A 16 -1.63 9.99 0.94
CA HIS A 16 -0.40 9.32 1.35
C HIS A 16 0.47 10.23 2.21
N ASN A 17 0.03 11.48 2.36
CA ASN A 17 0.77 12.45 3.15
C ASN A 17 0.35 12.40 4.62
N ASN A 18 0.21 11.18 5.14
CA ASN A 18 -0.18 11.00 6.53
C ASN A 18 0.70 9.96 7.21
N ARG A 19 0.44 8.69 6.95
CA ARG A 19 1.22 7.61 7.54
C ARG A 19 1.82 6.72 6.46
N PHE A 20 2.59 5.72 6.88
CA PHE A 20 3.22 4.80 5.94
C PHE A 20 2.20 4.22 4.97
N MET A 21 2.65 3.95 3.75
CA MET A 21 1.77 3.38 2.72
C MET A 21 2.51 2.34 1.89
N ILE A 22 1.76 1.39 1.35
CA ILE A 22 2.34 0.33 0.52
C ILE A 22 1.73 0.32 -0.87
N CYS A 23 2.49 -0.17 -1.84
CA CYS A 23 2.02 -0.25 -3.22
C CYS A 23 1.66 -1.68 -3.60
N CYS A 24 0.43 -1.87 -4.06
CA CYS A 24 -0.04 -3.20 -4.44
C CYS A 24 -0.01 -3.36 -5.96
N ASP A 25 0.74 -4.36 -6.42
CA ASP A 25 0.86 -4.63 -7.84
C ASP A 25 -0.39 -5.32 -8.38
N ARG A 26 -1.08 -6.04 -7.51
CA ARG A 26 -2.30 -6.75 -7.89
C ARG A 26 -3.29 -5.80 -8.56
N CYS A 27 -3.79 -4.85 -7.78
CA CYS A 27 -4.75 -3.87 -8.29
C CYS A 27 -4.05 -2.62 -8.77
N GLU A 28 -2.75 -2.52 -8.50
CA GLU A 28 -1.97 -1.37 -8.91
C GLU A 28 -2.42 -0.11 -8.19
N GLU A 29 -2.51 -0.20 -6.87
CA GLU A 29 -2.93 0.93 -6.05
C GLU A 29 -2.08 1.05 -4.79
N TRP A 30 -2.48 1.94 -3.89
CA TRP A 30 -1.75 2.15 -2.65
C TRP A 30 -2.64 1.86 -1.44
N PHE A 31 -2.01 1.47 -0.33
CA PHE A 31 -2.74 1.15 0.89
C PHE A 31 -1.95 1.60 2.12
N HIS A 32 -2.59 1.51 3.29
CA HIS A 32 -1.95 1.90 4.54
C HIS A 32 -1.47 0.68 5.30
N GLY A 33 -0.21 0.71 5.71
CA GLY A 33 0.36 -0.40 6.45
C GLY A 33 -0.48 -0.81 7.65
N ASP A 34 -1.17 0.17 8.23
CA ASP A 34 -2.02 -0.08 9.39
C ASP A 34 -3.32 -0.76 8.96
N CYS A 35 -3.91 -0.28 7.88
CA CYS A 35 -5.15 -0.85 7.38
C CYS A 35 -4.95 -2.27 6.89
N VAL A 36 -3.83 -2.52 6.21
CA VAL A 36 -3.51 -3.84 5.69
C VAL A 36 -2.90 -4.72 6.77
N GLY A 37 -2.25 -4.09 7.74
CA GLY A 37 -1.62 -4.82 8.83
C GLY A 37 -0.11 -4.83 8.71
N ILE A 38 0.40 -4.48 7.55
CA ILE A 38 1.84 -4.45 7.31
C ILE A 38 2.53 -3.42 8.21
N SER A 39 3.65 -3.80 8.79
CA SER A 39 4.40 -2.91 9.67
C SER A 39 5.38 -2.07 8.87
N GLU A 40 5.67 -0.87 9.37
CA GLU A 40 6.60 0.04 8.70
C GLU A 40 7.92 -0.67 8.40
N ALA A 41 8.33 -1.55 9.31
CA ALA A 41 9.57 -2.28 9.14
C ALA A 41 9.41 -3.41 8.12
N ARG A 42 8.21 -3.95 8.03
CA ARG A 42 7.92 -5.03 7.10
C ARG A 42 7.85 -4.51 5.66
N GLY A 43 7.05 -3.47 5.46
CA GLY A 43 6.91 -2.88 4.14
C GLY A 43 8.22 -2.37 3.58
N ARG A 44 9.05 -1.82 4.46
CA ARG A 44 10.36 -1.29 4.05
C ARG A 44 11.21 -2.37 3.40
N LEU A 45 10.96 -3.63 3.77
CA LEU A 45 11.69 -4.76 3.22
C LEU A 45 11.25 -5.05 1.78
N LEU A 46 9.98 -4.83 1.51
CA LEU A 46 9.44 -5.07 0.17
C LEU A 46 10.09 -4.15 -0.85
N GLU A 47 10.57 -3.00 -0.39
CA GLU A 47 11.23 -2.04 -1.26
C GLU A 47 12.66 -2.47 -1.58
N ARG A 48 13.27 -3.20 -0.66
CA ARG A 48 14.64 -3.68 -0.84
C ARG A 48 14.66 -4.95 -1.67
N ASN A 49 13.82 -5.90 -1.31
CA ASN A 49 13.75 -7.18 -2.02
C ASN A 49 12.90 -7.04 -3.28
N GLY A 50 12.02 -6.05 -3.29
CA GLY A 50 11.16 -5.83 -4.44
C GLY A 50 10.07 -6.87 -4.56
N GLU A 51 9.78 -7.56 -3.46
CA GLU A 51 8.75 -8.59 -3.45
C GLU A 51 7.37 -7.99 -3.69
N ASP A 52 6.78 -8.31 -4.84
CA ASP A 52 5.47 -7.80 -5.18
C ASP A 52 4.45 -8.09 -4.08
N TYR A 53 4.14 -7.07 -3.30
CA TYR A 53 3.19 -7.22 -2.20
C TYR A 53 1.75 -7.14 -2.71
N ILE A 54 0.86 -7.87 -2.05
CA ILE A 54 -0.55 -7.89 -2.44
C ILE A 54 -1.45 -7.62 -1.24
N CYS A 55 -2.11 -6.47 -1.24
CA CYS A 55 -3.00 -6.10 -0.14
C CYS A 55 -3.94 -7.25 0.21
N PRO A 56 -4.44 -7.25 1.45
CA PRO A 56 -5.35 -8.29 1.94
C PRO A 56 -6.73 -8.21 1.28
N ASN A 57 -6.94 -7.15 0.50
CA ASN A 57 -8.21 -6.95 -0.18
C ASN A 57 -8.27 -7.77 -1.47
N CYS A 58 -7.16 -7.79 -2.20
CA CYS A 58 -7.08 -8.53 -3.46
C CYS A 58 -6.93 -10.02 -3.19
N THR A 59 -6.06 -10.36 -2.25
CA THR A 59 -5.81 -11.76 -1.90
C THR A 59 -7.12 -12.49 -1.63
N ILE A 60 -8.12 -11.77 -1.15
CA ILE A 60 -9.42 -12.34 -0.84
C ILE A 60 -10.52 -11.73 -1.71
N LEU A 61 -10.12 -11.19 -2.85
CA LEU A 61 -11.06 -10.56 -3.77
C LEU A 61 -10.36 -10.12 -5.05
N GLY A 1 -1.47 5.68 -14.01
CA GLY A 1 -1.66 5.82 -12.59
C GLY A 1 -0.35 6.11 -11.85
N SER A 2 -0.42 6.97 -10.84
CA SER A 2 0.76 7.33 -10.07
C SER A 2 0.36 7.89 -8.70
N MET A 3 1.24 7.71 -7.73
CA MET A 3 0.99 8.20 -6.38
C MET A 3 1.00 9.72 -6.34
N ASP A 4 -0.06 10.31 -5.81
CA ASP A 4 -0.17 11.76 -5.72
C ASP A 4 -0.57 12.19 -4.30
N PRO A 5 -0.31 13.47 -3.98
CA PRO A 5 -0.62 14.01 -2.65
C PRO A 5 -2.13 14.16 -2.43
N ASN A 6 -2.82 14.67 -3.45
CA ASN A 6 -4.27 14.86 -3.37
C ASN A 6 -5.00 13.74 -4.09
N ALA A 7 -4.61 12.50 -3.82
CA ALA A 7 -5.23 11.34 -4.44
C ALA A 7 -5.78 10.37 -3.40
N LEU A 8 -6.46 9.34 -3.85
CA LEU A 8 -7.04 8.35 -2.95
C LEU A 8 -6.89 6.94 -3.52
N TYR A 9 -6.56 5.99 -2.65
CA TYR A 9 -6.37 4.61 -3.06
C TYR A 9 -6.84 3.65 -1.97
N CYS A 10 -6.25 3.79 -0.78
CA CYS A 10 -6.59 2.93 0.35
C CYS A 10 -8.11 2.83 0.50
N ILE A 11 -8.57 1.76 1.16
CA ILE A 11 -9.99 1.54 1.37
C ILE A 11 -10.63 2.73 2.07
N CYS A 12 -9.88 3.33 2.99
CA CYS A 12 -10.37 4.49 3.74
C CYS A 12 -10.39 5.74 2.87
N ARG A 13 -9.73 5.65 1.72
CA ARG A 13 -9.66 6.78 0.80
C ARG A 13 -9.02 7.99 1.46
N GLN A 14 -7.72 7.91 1.73
CA GLN A 14 -7.01 9.01 2.36
C GLN A 14 -5.69 9.28 1.64
N PRO A 15 -5.15 10.49 1.83
CA PRO A 15 -3.90 10.90 1.20
C PRO A 15 -2.69 10.17 1.78
N HIS A 16 -1.63 10.04 0.97
CA HIS A 16 -0.42 9.37 1.40
C HIS A 16 0.43 10.27 2.30
N ASN A 17 -0.01 11.52 2.43
CA ASN A 17 0.72 12.49 3.26
C ASN A 17 0.26 12.41 4.71
N ASN A 18 0.12 11.19 5.22
CA ASN A 18 -0.31 10.97 6.59
C ASN A 18 0.58 9.94 7.28
N ARG A 19 0.33 8.66 6.99
CA ARG A 19 1.11 7.58 7.59
C ARG A 19 1.73 6.71 6.51
N PHE A 20 2.50 5.71 6.93
CA PHE A 20 3.17 4.81 6.00
C PHE A 20 2.16 4.23 5.00
N MET A 21 2.63 3.98 3.79
CA MET A 21 1.78 3.42 2.75
C MET A 21 2.53 2.37 1.92
N ILE A 22 1.79 1.41 1.36
CA ILE A 22 2.40 0.36 0.55
C ILE A 22 1.78 0.33 -0.84
N CYS A 23 2.55 -0.19 -1.80
CA CYS A 23 2.09 -0.28 -3.18
C CYS A 23 1.73 -1.71 -3.54
N CYS A 24 0.50 -1.91 -4.00
CA CYS A 24 0.04 -3.25 -4.38
C CYS A 24 0.10 -3.43 -5.89
N ASP A 25 0.84 -4.45 -6.33
CA ASP A 25 0.98 -4.74 -7.76
C ASP A 25 -0.27 -5.42 -8.29
N ARG A 26 -0.98 -6.14 -7.41
CA ARG A 26 -2.18 -6.85 -7.80
C ARG A 26 -3.18 -5.91 -8.49
N CYS A 27 -3.69 -4.94 -7.73
CA CYS A 27 -4.64 -3.97 -8.26
C CYS A 27 -3.93 -2.72 -8.77
N GLU A 28 -2.63 -2.64 -8.49
CA GLU A 28 -1.84 -1.49 -8.90
C GLU A 28 -2.30 -0.22 -8.20
N GLU A 29 -2.40 -0.30 -6.87
CA GLU A 29 -2.84 0.85 -6.08
C GLU A 29 -1.99 0.98 -4.82
N TRP A 30 -2.42 1.88 -3.92
CA TRP A 30 -1.69 2.09 -2.66
C TRP A 30 -2.59 1.83 -1.47
N PHE A 31 -1.98 1.46 -0.35
CA PHE A 31 -2.72 1.17 0.88
C PHE A 31 -1.95 1.62 2.10
N HIS A 32 -2.60 1.56 3.27
CA HIS A 32 -1.97 1.96 4.51
C HIS A 32 -1.48 0.74 5.30
N GLY A 33 -0.22 0.79 5.72
CA GLY A 33 0.34 -0.32 6.48
C GLY A 33 -0.52 -0.73 7.65
N ASP A 34 -1.24 0.24 8.21
CA ASP A 34 -2.11 -0.02 9.35
C ASP A 34 -3.38 -0.74 8.91
N CYS A 35 -4.01 -0.24 7.86
CA CYS A 35 -5.24 -0.83 7.34
C CYS A 35 -4.99 -2.27 6.89
N VAL A 36 -3.85 -2.49 6.22
CA VAL A 36 -3.50 -3.82 5.74
C VAL A 36 -2.89 -4.67 6.85
N GLY A 37 -2.28 -4.00 7.82
CA GLY A 37 -1.66 -4.71 8.92
C GLY A 37 -0.14 -4.74 8.82
N ILE A 38 0.37 -4.41 7.63
CA ILE A 38 1.81 -4.40 7.41
C ILE A 38 2.50 -3.39 8.32
N SER A 39 3.69 -3.75 8.80
CA SER A 39 4.45 -2.87 9.68
C SER A 39 5.46 -2.05 8.89
N GLU A 40 5.78 -0.86 9.40
CA GLU A 40 6.73 0.02 8.73
C GLU A 40 8.03 -0.72 8.42
N ALA A 41 8.42 -1.62 9.31
CA ALA A 41 9.65 -2.39 9.13
C ALA A 41 9.45 -3.49 8.10
N ARG A 42 8.25 -4.03 8.05
CA ARG A 42 7.93 -5.10 7.10
C ARG A 42 7.84 -4.56 5.67
N GLY A 43 7.06 -3.49 5.50
CA GLY A 43 6.91 -2.90 4.18
C GLY A 43 8.23 -2.42 3.60
N ARG A 44 9.15 -2.03 4.47
CA ARG A 44 10.46 -1.54 4.04
C ARG A 44 11.32 -2.70 3.56
N LEU A 45 11.05 -3.90 4.08
CA LEU A 45 11.81 -5.09 3.70
C LEU A 45 11.43 -5.55 2.30
N LEU A 46 10.13 -5.61 2.04
CA LEU A 46 9.63 -6.05 0.74
C LEU A 46 10.20 -5.17 -0.38
N GLU A 47 10.53 -3.94 -0.04
CA GLU A 47 11.09 -3.00 -1.01
C GLU A 47 12.49 -3.42 -1.43
N ARG A 48 13.30 -3.83 -0.46
CA ARG A 48 14.66 -4.27 -0.74
C ARG A 48 14.68 -5.64 -1.40
N ASN A 49 13.73 -6.49 -1.00
CA ASN A 49 13.64 -7.84 -1.56
C ASN A 49 12.99 -7.81 -2.94
N GLY A 50 12.21 -6.76 -3.21
CA GLY A 50 11.55 -6.63 -4.50
C GLY A 50 10.36 -7.56 -4.63
N GLU A 51 9.85 -8.02 -3.49
CA GLU A 51 8.70 -8.92 -3.48
C GLU A 51 7.40 -8.15 -3.70
N ASP A 52 6.69 -8.49 -4.76
CA ASP A 52 5.43 -7.83 -5.08
C ASP A 52 4.38 -8.11 -4.00
N TYR A 53 4.20 -7.13 -3.12
CA TYR A 53 3.23 -7.26 -2.02
C TYR A 53 1.80 -7.19 -2.56
N ILE A 54 0.90 -7.92 -1.91
CA ILE A 54 -0.50 -7.94 -2.31
C ILE A 54 -1.42 -7.66 -1.13
N CYS A 55 -2.07 -6.50 -1.16
CA CYS A 55 -2.98 -6.11 -0.08
C CYS A 55 -3.92 -7.26 0.28
N PRO A 56 -4.45 -7.23 1.51
CA PRO A 56 -5.37 -8.26 2.01
C PRO A 56 -6.72 -8.20 1.32
N ASN A 57 -6.93 -7.16 0.52
CA ASN A 57 -8.19 -6.99 -0.19
C ASN A 57 -8.21 -7.82 -1.47
N CYS A 58 -7.09 -7.84 -2.18
CA CYS A 58 -6.99 -8.60 -3.42
C CYS A 58 -6.82 -10.09 -3.13
N THR A 59 -5.97 -10.41 -2.16
CA THR A 59 -5.72 -11.79 -1.80
C THR A 59 -7.02 -12.54 -1.54
N ILE A 60 -8.04 -11.82 -1.09
CA ILE A 60 -9.34 -12.41 -0.82
C ILE A 60 -10.36 -12.04 -1.90
N LEU A 61 -10.05 -10.98 -2.64
CA LEU A 61 -10.94 -10.53 -3.71
C LEU A 61 -11.29 -11.67 -4.65
N GLY A 1 0.79 3.09 -11.17
CA GLY A 1 2.20 3.17 -10.80
C GLY A 1 2.55 4.48 -10.14
N SER A 2 2.31 5.58 -10.85
CA SER A 2 2.63 6.91 -10.32
C SER A 2 1.44 7.48 -9.56
N MET A 3 1.59 7.59 -8.24
CA MET A 3 0.52 8.12 -7.39
C MET A 3 0.73 9.60 -7.12
N ASP A 4 -0.29 10.25 -6.59
CA ASP A 4 -0.22 11.68 -6.29
C ASP A 4 -0.69 11.95 -4.85
N PRO A 5 -0.30 13.12 -4.32
CA PRO A 5 -0.68 13.53 -2.96
C PRO A 5 -2.17 13.85 -2.84
N ASN A 6 -2.72 14.45 -3.88
CA ASN A 6 -4.13 14.81 -3.89
C ASN A 6 -4.97 13.71 -4.53
N ALA A 7 -4.68 12.47 -4.18
CA ALA A 7 -5.40 11.33 -4.71
C ALA A 7 -5.74 10.33 -3.61
N LEU A 8 -6.70 9.44 -3.89
CA LEU A 8 -7.11 8.44 -2.92
C LEU A 8 -6.92 7.03 -3.48
N TYR A 9 -6.59 6.09 -2.62
CA TYR A 9 -6.38 4.70 -3.03
C TYR A 9 -6.83 3.74 -1.93
N CYS A 10 -6.25 3.88 -0.74
CA CYS A 10 -6.58 3.02 0.38
C CYS A 10 -8.09 2.92 0.54
N ILE A 11 -8.54 1.83 1.18
CA ILE A 11 -9.96 1.61 1.41
C ILE A 11 -10.59 2.79 2.14
N CYS A 12 -9.82 3.40 3.05
CA CYS A 12 -10.31 4.53 3.81
C CYS A 12 -10.36 5.80 2.96
N ARG A 13 -9.69 5.75 1.81
CA ARG A 13 -9.64 6.88 0.89
C ARG A 13 -8.98 8.09 1.56
N GLN A 14 -7.68 8.01 1.78
CA GLN A 14 -6.94 9.09 2.41
C GLN A 14 -5.63 9.36 1.68
N PRO A 15 -5.07 10.55 1.88
CA PRO A 15 -3.81 10.96 1.24
C PRO A 15 -2.61 10.19 1.80
N HIS A 16 -1.57 10.05 0.98
CA HIS A 16 -0.36 9.34 1.39
C HIS A 16 0.51 10.24 2.27
N ASN A 17 0.09 11.48 2.45
CA ASN A 17 0.84 12.43 3.26
C ASN A 17 0.41 12.37 4.72
N ASN A 18 0.25 11.14 5.22
CA ASN A 18 -0.17 10.93 6.60
C ASN A 18 0.74 9.91 7.28
N ARG A 19 0.48 8.63 7.02
CA ARG A 19 1.28 7.56 7.61
C ARG A 19 1.89 6.68 6.53
N PHE A 20 2.60 5.63 6.95
CA PHE A 20 3.24 4.71 6.03
C PHE A 20 2.23 4.16 5.03
N MET A 21 2.70 3.89 3.81
CA MET A 21 1.83 3.36 2.76
C MET A 21 2.58 2.32 1.92
N ILE A 22 1.83 1.37 1.36
CA ILE A 22 2.42 0.33 0.54
C ILE A 22 1.82 0.34 -0.87
N CYS A 23 2.59 -0.15 -1.84
CA CYS A 23 2.14 -0.20 -3.22
C CYS A 23 1.76 -1.62 -3.62
N CYS A 24 0.53 -1.80 -4.08
CA CYS A 24 0.05 -3.11 -4.49
C CYS A 24 0.11 -3.26 -6.01
N ASP A 25 0.84 -4.27 -6.47
CA ASP A 25 0.98 -4.52 -7.90
C ASP A 25 -0.28 -5.19 -8.45
N ARG A 26 -0.99 -5.91 -7.60
CA ARG A 26 -2.21 -6.60 -8.00
C ARG A 26 -3.19 -5.64 -8.67
N CYS A 27 -3.69 -4.68 -7.89
CA CYS A 27 -4.63 -3.69 -8.40
C CYS A 27 -3.90 -2.43 -8.87
N GLU A 28 -2.61 -2.37 -8.57
CA GLU A 28 -1.80 -1.20 -8.96
C GLU A 28 -2.26 0.05 -8.22
N GLU A 29 -2.36 -0.06 -6.90
CA GLU A 29 -2.79 1.06 -6.08
C GLU A 29 -1.95 1.16 -4.81
N TRP A 30 -2.35 2.05 -3.90
CA TRP A 30 -1.64 2.23 -2.64
C TRP A 30 -2.54 1.93 -1.45
N PHE A 31 -1.93 1.52 -0.35
CA PHE A 31 -2.69 1.19 0.86
C PHE A 31 -1.91 1.61 2.11
N HIS A 32 -2.59 1.56 3.25
CA HIS A 32 -1.96 1.94 4.53
C HIS A 32 -1.51 0.70 5.29
N GLY A 33 -0.24 0.69 5.70
CA GLY A 33 0.29 -0.43 6.44
C GLY A 33 -0.57 -0.80 7.64
N ASP A 34 -1.25 0.19 8.20
CA ASP A 34 -2.11 -0.03 9.36
C ASP A 34 -3.41 -0.70 8.95
N CYS A 35 -4.00 -0.22 7.87
CA CYS A 35 -5.26 -0.78 7.36
C CYS A 35 -5.07 -2.22 6.91
N VAL A 36 -3.97 -2.48 6.19
CA VAL A 36 -3.68 -3.82 5.71
C VAL A 36 -3.04 -4.67 6.79
N GLY A 37 -2.39 -4.01 7.75
CA GLY A 37 -1.74 -4.72 8.83
C GLY A 37 -0.23 -4.76 8.69
N ILE A 38 0.25 -4.45 7.49
CA ILE A 38 1.69 -4.45 7.22
C ILE A 38 2.39 -3.39 8.07
N SER A 39 3.49 -3.80 8.72
CA SER A 39 4.26 -2.89 9.55
C SER A 39 5.36 -2.20 8.75
N GLU A 40 6.04 -1.25 9.38
CA GLU A 40 7.11 -0.52 8.73
C GLU A 40 8.31 -1.42 8.47
N ALA A 41 8.36 -2.54 9.18
CA ALA A 41 9.45 -3.50 9.03
C ALA A 41 9.28 -4.33 7.76
N ARG A 42 8.11 -4.93 7.60
CA ARG A 42 7.82 -5.75 6.44
C ARG A 42 7.72 -4.89 5.18
N GLY A 43 6.91 -3.83 5.25
CA GLY A 43 6.74 -2.96 4.11
C GLY A 43 8.07 -2.47 3.55
N ARG A 44 9.07 -2.35 4.42
CA ARG A 44 10.39 -1.89 4.01
C ARG A 44 11.18 -3.03 3.37
N LEU A 45 11.05 -4.22 3.93
CA LEU A 45 11.76 -5.39 3.42
C LEU A 45 11.39 -5.65 1.97
N LEU A 46 10.09 -5.71 1.69
CA LEU A 46 9.61 -5.95 0.34
C LEU A 46 9.96 -4.79 -0.59
N GLU A 47 10.10 -3.60 0.01
CA GLU A 47 10.43 -2.41 -0.76
C GLU A 47 11.91 -2.41 -1.16
N ARG A 48 12.75 -2.89 -0.26
CA ARG A 48 14.19 -2.94 -0.51
C ARG A 48 14.56 -4.17 -1.32
N ASN A 49 13.88 -5.28 -1.04
CA ASN A 49 14.14 -6.54 -1.75
C ASN A 49 13.38 -6.58 -3.07
N GLY A 50 12.31 -5.80 -3.15
CA GLY A 50 11.51 -5.76 -4.36
C GLY A 50 10.55 -6.93 -4.47
N GLU A 51 9.82 -7.19 -3.39
CA GLU A 51 8.86 -8.30 -3.37
C GLU A 51 7.45 -7.79 -3.65
N ASP A 52 6.93 -8.19 -4.81
CA ASP A 52 5.58 -7.79 -5.21
C ASP A 52 4.57 -8.09 -4.10
N TYR A 53 4.16 -7.05 -3.38
CA TYR A 53 3.20 -7.20 -2.30
C TYR A 53 1.77 -7.12 -2.81
N ILE A 54 0.87 -7.85 -2.17
CA ILE A 54 -0.53 -7.86 -2.57
C ILE A 54 -1.44 -7.60 -1.37
N CYS A 55 -2.09 -6.43 -1.36
CA CYS A 55 -2.98 -6.07 -0.27
C CYS A 55 -3.94 -7.21 0.05
N PRO A 56 -4.46 -7.22 1.29
CA PRO A 56 -5.39 -8.26 1.75
C PRO A 56 -6.75 -8.15 1.07
N ASN A 57 -6.94 -7.09 0.30
CA ASN A 57 -8.20 -6.87 -0.41
C ASN A 57 -8.24 -7.67 -1.70
N CYS A 58 -7.12 -7.68 -2.42
CA CYS A 58 -7.03 -8.40 -3.68
C CYS A 58 -6.88 -9.91 -3.43
N THR A 59 -6.03 -10.27 -2.48
CA THR A 59 -5.79 -11.66 -2.15
C THR A 59 -7.11 -12.40 -1.92
N ILE A 60 -8.12 -11.68 -1.45
CA ILE A 60 -9.42 -12.27 -1.19
C ILE A 60 -10.44 -11.84 -2.25
N LEU A 61 -10.17 -10.71 -2.90
CA LEU A 61 -11.06 -10.20 -3.93
C LEU A 61 -10.30 -9.93 -5.22
N GLY A 1 2.41 3.42 -12.69
CA GLY A 1 2.60 4.85 -12.92
C GLY A 1 3.17 5.55 -11.70
N SER A 2 2.48 6.59 -11.24
CA SER A 2 2.93 7.35 -10.09
C SER A 2 1.74 7.97 -9.35
N MET A 3 1.61 7.63 -8.07
CA MET A 3 0.52 8.15 -7.25
C MET A 3 0.70 9.63 -6.97
N ASP A 4 -0.33 10.27 -6.44
CA ASP A 4 -0.29 11.69 -6.13
C ASP A 4 -0.73 11.94 -4.68
N PRO A 5 -0.35 13.11 -4.15
CA PRO A 5 -0.69 13.50 -2.77
C PRO A 5 -2.18 13.79 -2.60
N ASN A 6 -2.78 14.39 -3.62
CA ASN A 6 -4.20 14.72 -3.58
C ASN A 6 -5.03 13.62 -4.24
N ALA A 7 -4.64 12.37 -4.02
CA ALA A 7 -5.34 11.23 -4.59
C ALA A 7 -5.80 10.27 -3.50
N LEU A 8 -6.62 9.29 -3.88
CA LEU A 8 -7.13 8.31 -2.94
C LEU A 8 -6.98 6.90 -3.50
N TYR A 9 -6.65 5.96 -2.61
CA TYR A 9 -6.48 4.56 -3.01
C TYR A 9 -6.95 3.62 -1.91
N CYS A 10 -6.39 3.78 -0.72
CA CYS A 10 -6.75 2.94 0.42
C CYS A 10 -8.26 2.87 0.58
N ILE A 11 -8.73 1.80 1.23
CA ILE A 11 -10.16 1.60 1.45
C ILE A 11 -10.78 2.80 2.14
N CYS A 12 -10.03 3.40 3.06
CA CYS A 12 -10.51 4.57 3.79
C CYS A 12 -10.51 5.81 2.91
N ARG A 13 -9.83 5.72 1.77
CA ARG A 13 -9.75 6.83 0.84
C ARG A 13 -9.09 8.05 1.48
N GLN A 14 -7.78 7.94 1.73
CA GLN A 14 -7.03 9.02 2.35
C GLN A 14 -5.67 9.18 1.69
N PRO A 15 -5.09 10.39 1.82
CA PRO A 15 -3.78 10.71 1.24
C PRO A 15 -2.65 9.97 1.95
N HIS A 16 -1.58 9.69 1.20
CA HIS A 16 -0.43 8.99 1.75
C HIS A 16 0.44 9.94 2.57
N ASN A 17 0.12 11.23 2.51
CA ASN A 17 0.87 12.24 3.25
C ASN A 17 0.66 12.09 4.75
N ASN A 18 -0.31 11.27 5.13
CA ASN A 18 -0.61 11.04 6.53
C ASN A 18 0.43 10.12 7.18
N ARG A 19 0.29 8.82 6.96
CA ARG A 19 1.22 7.85 7.52
C ARG A 19 1.84 7.00 6.41
N PHE A 20 2.54 5.94 6.81
CA PHE A 20 3.19 5.06 5.85
C PHE A 20 2.15 4.37 4.96
N MET A 21 2.54 4.10 3.72
CA MET A 21 1.64 3.44 2.77
C MET A 21 2.40 2.42 1.92
N ILE A 22 1.71 1.35 1.55
CA ILE A 22 2.31 0.31 0.73
C ILE A 22 1.76 0.31 -0.68
N CYS A 23 2.53 -0.21 -1.62
CA CYS A 23 2.12 -0.26 -3.02
C CYS A 23 1.73 -1.68 -3.42
N CYS A 24 0.53 -1.82 -3.96
CA CYS A 24 0.03 -3.13 -4.39
C CYS A 24 0.12 -3.28 -5.91
N ASP A 25 0.86 -4.28 -6.35
CA ASP A 25 1.02 -4.53 -7.78
C ASP A 25 -0.21 -5.22 -8.36
N ARG A 26 -0.95 -5.92 -7.50
CA ARG A 26 -2.15 -6.62 -7.92
C ARG A 26 -3.12 -5.67 -8.62
N CYS A 27 -3.65 -4.71 -7.87
CA CYS A 27 -4.59 -3.74 -8.43
C CYS A 27 -3.87 -2.46 -8.85
N GLU A 28 -2.59 -2.38 -8.51
CA GLU A 28 -1.78 -1.21 -8.85
C GLU A 28 -2.26 0.02 -8.09
N GLU A 29 -2.37 -0.10 -6.77
CA GLU A 29 -2.83 1.00 -5.94
C GLU A 29 -2.00 1.08 -4.66
N TRP A 30 -2.45 1.91 -3.72
CA TRP A 30 -1.76 2.08 -2.45
C TRP A 30 -2.67 1.73 -1.28
N PHE A 31 -2.06 1.26 -0.19
CA PHE A 31 -2.83 0.89 1.00
C PHE A 31 -2.04 1.19 2.27
N HIS A 32 -2.67 1.87 3.22
CA HIS A 32 -2.03 2.21 4.48
C HIS A 32 -1.53 0.96 5.20
N GLY A 33 -0.26 0.99 5.61
CA GLY A 33 0.32 -0.15 6.30
C GLY A 33 -0.52 -0.59 7.48
N ASP A 34 -1.26 0.34 8.07
CA ASP A 34 -2.11 0.05 9.22
C ASP A 34 -3.37 -0.69 8.78
N CYS A 35 -4.11 -0.10 7.85
CA CYS A 35 -5.34 -0.70 7.35
C CYS A 35 -5.09 -2.13 6.87
N VAL A 36 -3.94 -2.34 6.24
CA VAL A 36 -3.58 -3.66 5.73
C VAL A 36 -2.95 -4.52 6.82
N GLY A 37 -2.30 -3.85 7.78
CA GLY A 37 -1.65 -4.57 8.86
C GLY A 37 -0.14 -4.60 8.72
N ILE A 38 0.35 -4.30 7.52
CA ILE A 38 1.77 -4.29 7.26
C ILE A 38 2.50 -3.31 8.17
N SER A 39 3.69 -3.69 8.62
CA SER A 39 4.48 -2.84 9.51
C SER A 39 5.47 -2.01 8.71
N GLU A 40 5.77 -0.81 9.20
CA GLU A 40 6.70 0.09 8.53
C GLU A 40 8.02 -0.64 8.23
N ALA A 41 8.38 -1.57 9.09
CA ALA A 41 9.62 -2.33 8.91
C ALA A 41 9.46 -3.38 7.82
N ARG A 42 8.27 -3.96 7.73
CA ARG A 42 7.99 -4.98 6.73
C ARG A 42 7.84 -4.37 5.34
N GLY A 43 7.01 -3.34 5.24
CA GLY A 43 6.80 -2.68 3.96
C GLY A 43 8.10 -2.23 3.32
N ARG A 44 9.08 -1.88 4.14
CA ARG A 44 10.37 -1.43 3.65
C ARG A 44 11.22 -2.61 3.18
N LEU A 45 10.96 -3.78 3.76
CA LEU A 45 11.69 -4.99 3.41
C LEU A 45 11.33 -5.45 2.00
N LEU A 46 10.03 -5.50 1.72
CA LEU A 46 9.56 -5.93 0.41
C LEU A 46 10.16 -5.07 -0.70
N GLU A 47 10.50 -3.83 -0.35
CA GLU A 47 11.08 -2.90 -1.32
C GLU A 47 12.55 -3.23 -1.56
N ARG A 48 13.23 -3.72 -0.52
CA ARG A 48 14.64 -4.07 -0.63
C ARG A 48 14.81 -5.45 -1.25
N ASN A 49 13.87 -6.34 -0.97
CA ASN A 49 13.92 -7.70 -1.51
C ASN A 49 13.24 -7.78 -2.87
N GLY A 50 12.35 -6.83 -3.13
CA GLY A 50 11.65 -6.79 -4.39
C GLY A 50 10.49 -7.77 -4.44
N GLU A 51 9.88 -8.03 -3.29
CA GLU A 51 8.76 -8.95 -3.19
C GLU A 51 7.44 -8.24 -3.44
N ASP A 52 6.82 -8.54 -4.57
CA ASP A 52 5.54 -7.92 -4.92
C ASP A 52 4.49 -8.18 -3.84
N TYR A 53 4.10 -7.13 -3.14
CA TYR A 53 3.11 -7.25 -2.07
C TYR A 53 1.70 -7.13 -2.64
N ILE A 54 0.75 -7.83 -2.03
CA ILE A 54 -0.64 -7.79 -2.47
C ILE A 54 -1.57 -7.52 -1.29
N CYS A 55 -2.20 -6.36 -1.30
CA CYS A 55 -3.12 -5.97 -0.23
C CYS A 55 -4.09 -7.11 0.08
N PRO A 56 -4.63 -7.11 1.31
CA PRO A 56 -5.58 -8.14 1.76
C PRO A 56 -6.93 -8.04 1.05
N ASN A 57 -7.10 -6.98 0.26
CA ASN A 57 -8.34 -6.77 -0.47
C ASN A 57 -8.36 -7.59 -1.76
N CYS A 58 -7.22 -7.63 -2.44
CA CYS A 58 -7.11 -8.37 -3.69
C CYS A 58 -6.98 -9.87 -3.43
N THR A 59 -6.16 -10.22 -2.44
CA THR A 59 -5.96 -11.62 -2.09
C THR A 59 -7.28 -12.33 -1.87
N ILE A 60 -8.29 -11.58 -1.42
CA ILE A 60 -9.60 -12.15 -1.18
C ILE A 60 -10.66 -11.50 -2.07
N LEU A 61 -10.21 -10.94 -3.18
CA LEU A 61 -11.12 -10.28 -4.12
C LEU A 61 -12.22 -11.24 -4.58
N GLY A 1 0.41 5.45 -14.99
CA GLY A 1 -0.25 5.47 -13.70
C GLY A 1 0.70 5.77 -12.56
N SER A 2 0.75 7.04 -12.17
CA SER A 2 1.63 7.46 -11.08
C SER A 2 0.81 7.99 -9.91
N MET A 3 1.10 7.48 -8.72
CA MET A 3 0.40 7.90 -7.51
C MET A 3 0.63 9.38 -7.23
N ASP A 4 -0.40 10.06 -6.74
CA ASP A 4 -0.29 11.48 -6.43
C ASP A 4 -0.64 11.74 -4.98
N PRO A 5 -0.20 12.91 -4.47
CA PRO A 5 -0.45 13.31 -3.07
C PRO A 5 -1.92 13.62 -2.82
N ASN A 6 -2.59 14.18 -3.82
CA ASN A 6 -4.00 14.53 -3.69
C ASN A 6 -4.88 13.46 -4.35
N ALA A 7 -4.52 12.20 -4.15
CA ALA A 7 -5.29 11.09 -4.72
C ALA A 7 -5.77 10.14 -3.62
N LEU A 8 -6.57 9.15 -4.02
CA LEU A 8 -7.10 8.18 -3.07
C LEU A 8 -6.94 6.76 -3.61
N TYR A 9 -6.62 5.83 -2.71
CA TYR A 9 -6.44 4.44 -3.10
C TYR A 9 -6.91 3.50 -1.99
N CYS A 10 -6.36 3.69 -0.79
CA CYS A 10 -6.72 2.86 0.36
C CYS A 10 -8.23 2.78 0.50
N ILE A 11 -8.70 1.71 1.16
CA ILE A 11 -10.13 1.52 1.37
C ILE A 11 -10.76 2.73 2.06
N CYS A 12 -10.01 3.33 2.97
CA CYS A 12 -10.50 4.50 3.70
C CYS A 12 -10.49 5.74 2.80
N ARG A 13 -9.82 5.64 1.67
CA ARG A 13 -9.74 6.75 0.73
C ARG A 13 -9.06 7.96 1.37
N GLN A 14 -7.76 7.84 1.61
CA GLN A 14 -7.00 8.92 2.22
C GLN A 14 -5.64 9.08 1.56
N PRO A 15 -5.05 10.28 1.68
CA PRO A 15 -3.74 10.58 1.09
C PRO A 15 -2.61 9.85 1.80
N HIS A 16 -1.54 9.56 1.06
CA HIS A 16 -0.39 8.87 1.61
C HIS A 16 0.49 9.82 2.43
N ASN A 17 0.16 11.11 2.37
CA ASN A 17 0.91 12.13 3.10
C ASN A 17 0.69 11.99 4.60
N ASN A 18 -0.29 11.18 4.98
CA ASN A 18 -0.61 10.96 6.38
C ASN A 18 0.43 10.07 7.04
N ARG A 19 0.28 8.76 6.85
CA ARG A 19 1.20 7.78 7.42
C ARG A 19 1.82 6.91 6.33
N PHE A 20 2.55 5.89 6.74
CA PHE A 20 3.19 4.98 5.81
C PHE A 20 2.17 4.28 4.93
N MET A 21 2.56 3.99 3.68
CA MET A 21 1.67 3.33 2.74
C MET A 21 2.43 2.31 1.90
N ILE A 22 1.74 1.23 1.52
CA ILE A 22 2.35 0.18 0.71
C ILE A 22 1.80 0.19 -0.71
N CYS A 23 2.59 -0.32 -1.64
CA CYS A 23 2.18 -0.38 -3.04
C CYS A 23 1.80 -1.81 -3.44
N CYS A 24 0.59 -1.95 -3.97
CA CYS A 24 0.09 -3.26 -4.39
C CYS A 24 0.18 -3.41 -5.91
N ASP A 25 0.91 -4.42 -6.35
CA ASP A 25 1.08 -4.67 -7.78
C ASP A 25 -0.15 -5.36 -8.36
N ARG A 26 -0.90 -6.06 -7.50
CA ARG A 26 -2.10 -6.76 -7.92
C ARG A 26 -3.06 -5.81 -8.64
N CYS A 27 -3.58 -4.84 -7.90
CA CYS A 27 -4.51 -3.86 -8.46
C CYS A 27 -3.79 -2.59 -8.88
N GLU A 28 -2.50 -2.51 -8.54
CA GLU A 28 -1.69 -1.35 -8.87
C GLU A 28 -2.18 -0.11 -8.12
N GLU A 29 -2.30 -0.24 -6.80
CA GLU A 29 -2.75 0.87 -5.97
C GLU A 29 -1.93 0.95 -4.69
N TRP A 30 -2.39 1.79 -3.77
CA TRP A 30 -1.70 1.97 -2.49
C TRP A 30 -2.62 1.62 -1.32
N PHE A 31 -2.02 1.17 -0.22
CA PHE A 31 -2.78 0.80 0.97
C PHE A 31 -1.99 1.10 2.24
N HIS A 32 -2.65 1.78 3.18
CA HIS A 32 -2.01 2.14 4.44
C HIS A 32 -1.52 0.89 5.17
N GLY A 33 -0.25 0.91 5.58
CA GLY A 33 0.32 -0.23 6.29
C GLY A 33 -0.53 -0.65 7.47
N ASP A 34 -1.27 0.29 8.04
CA ASP A 34 -2.12 0.00 9.18
C ASP A 34 -3.39 -0.73 8.75
N CYS A 35 -4.11 -0.14 7.82
CA CYS A 35 -5.35 -0.74 7.31
C CYS A 35 -5.11 -2.17 6.84
N VAL A 36 -3.96 -2.40 6.21
CA VAL A 36 -3.60 -3.72 5.72
C VAL A 36 -2.98 -4.57 6.82
N GLY A 37 -2.32 -3.91 7.77
CA GLY A 37 -1.69 -4.62 8.86
C GLY A 37 -0.18 -4.65 8.73
N ILE A 38 0.31 -4.37 7.53
CA ILE A 38 1.74 -4.38 7.27
C ILE A 38 2.47 -3.39 8.19
N SER A 39 3.64 -3.80 8.67
CA SER A 39 4.43 -2.96 9.56
C SER A 39 5.41 -2.10 8.76
N GLU A 40 5.72 -0.91 9.29
CA GLU A 40 6.65 0.00 8.62
C GLU A 40 7.96 -0.71 8.29
N ALA A 41 8.38 -1.61 9.17
CA ALA A 41 9.62 -2.34 8.97
C ALA A 41 9.44 -3.44 7.93
N ARG A 42 8.23 -3.99 7.85
CA ARG A 42 7.92 -5.05 6.90
C ARG A 42 7.80 -4.49 5.48
N GLY A 43 7.00 -3.44 5.34
CA GLY A 43 6.81 -2.84 4.03
C GLY A 43 8.11 -2.39 3.41
N ARG A 44 9.00 -1.83 4.23
CA ARG A 44 10.29 -1.35 3.75
C ARG A 44 11.17 -2.52 3.31
N LEU A 45 10.92 -3.69 3.88
CA LEU A 45 11.70 -4.88 3.56
C LEU A 45 11.33 -5.40 2.17
N LEU A 46 10.03 -5.50 1.91
CA LEU A 46 9.54 -5.98 0.61
C LEU A 46 9.95 -5.02 -0.51
N GLU A 47 10.11 -3.75 -0.17
CA GLU A 47 10.50 -2.75 -1.15
C GLU A 47 11.96 -2.90 -1.54
N ARG A 48 12.79 -3.30 -0.58
CA ARG A 48 14.21 -3.48 -0.81
C ARG A 48 14.48 -4.84 -1.46
N ASN A 49 13.67 -5.84 -1.11
CA ASN A 49 13.82 -7.17 -1.66
C ASN A 49 13.13 -7.29 -3.01
N GLY A 50 12.16 -6.41 -3.27
CA GLY A 50 11.45 -6.43 -4.52
C GLY A 50 10.31 -7.43 -4.53
N GLU A 51 9.81 -7.76 -3.34
CA GLU A 51 8.71 -8.70 -3.21
C GLU A 51 7.37 -8.05 -3.55
N ASP A 52 6.72 -8.56 -4.58
CA ASP A 52 5.43 -8.02 -5.02
C ASP A 52 4.35 -8.27 -3.97
N TYR A 53 4.13 -7.29 -3.11
CA TYR A 53 3.13 -7.39 -2.05
C TYR A 53 1.73 -7.27 -2.61
N ILE A 54 0.78 -7.97 -2.00
CA ILE A 54 -0.61 -7.93 -2.44
C ILE A 54 -1.54 -7.65 -1.27
N CYS A 55 -2.17 -6.48 -1.29
CA CYS A 55 -3.09 -6.09 -0.24
C CYS A 55 -4.06 -7.23 0.08
N PRO A 56 -4.62 -7.21 1.31
CA PRO A 56 -5.57 -8.23 1.75
C PRO A 56 -6.91 -8.12 1.03
N ASN A 57 -7.08 -7.07 0.23
CA ASN A 57 -8.31 -6.86 -0.51
C ASN A 57 -8.32 -7.69 -1.80
N CYS A 58 -7.18 -7.72 -2.48
CA CYS A 58 -7.06 -8.47 -3.72
C CYS A 58 -6.93 -9.97 -3.45
N THR A 59 -6.10 -10.30 -2.45
CA THR A 59 -5.88 -11.70 -2.10
C THR A 59 -7.21 -12.43 -1.89
N ILE A 60 -8.23 -11.69 -1.46
CA ILE A 60 -9.55 -12.27 -1.23
C ILE A 60 -10.53 -11.86 -2.32
N LEU A 61 -10.24 -10.74 -2.98
CA LEU A 61 -11.09 -10.24 -4.05
C LEU A 61 -10.25 -9.72 -5.22
N GLY A 1 -1.68 6.09 -13.58
CA GLY A 1 -0.35 6.21 -14.13
C GLY A 1 0.71 6.35 -13.06
N SER A 2 0.47 7.25 -12.11
CA SER A 2 1.43 7.49 -11.02
C SER A 2 0.71 8.01 -9.78
N MET A 3 1.32 7.78 -8.62
CA MET A 3 0.74 8.23 -7.36
C MET A 3 0.77 9.74 -7.25
N ASP A 4 -0.23 10.31 -6.58
CA ASP A 4 -0.32 11.75 -6.41
C ASP A 4 -0.53 12.11 -4.93
N PRO A 5 -0.23 13.37 -4.59
CA PRO A 5 -0.38 13.86 -3.22
C PRO A 5 -1.85 13.99 -2.80
N ASN A 6 -2.66 14.55 -3.70
CA ASN A 6 -4.08 14.74 -3.43
C ASN A 6 -4.91 13.64 -4.10
N ALA A 7 -4.47 12.39 -3.95
CA ALA A 7 -5.16 11.26 -4.54
C ALA A 7 -5.64 10.29 -3.46
N LEU A 8 -6.43 9.31 -3.86
CA LEU A 8 -6.96 8.31 -2.93
C LEU A 8 -6.81 6.90 -3.50
N TYR A 9 -6.50 5.96 -2.62
CA TYR A 9 -6.32 4.57 -3.03
C TYR A 9 -6.80 3.61 -1.94
N CYS A 10 -6.25 3.76 -0.75
CA CYS A 10 -6.62 2.92 0.38
C CYS A 10 -8.14 2.84 0.53
N ILE A 11 -8.61 1.77 1.17
CA ILE A 11 -10.05 1.58 1.36
C ILE A 11 -10.67 2.79 2.07
N CYS A 12 -9.92 3.38 2.99
CA CYS A 12 -10.40 4.54 3.73
C CYS A 12 -10.38 5.79 2.86
N ARG A 13 -9.69 5.70 1.72
CA ARG A 13 -9.60 6.82 0.80
C ARG A 13 -8.93 8.02 1.47
N GLN A 14 -7.63 7.90 1.72
CA GLN A 14 -6.87 8.96 2.35
C GLN A 14 -5.50 9.12 1.70
N PRO A 15 -4.91 10.31 1.84
CA PRO A 15 -3.60 10.63 1.27
C PRO A 15 -2.46 9.88 1.98
N HIS A 16 -1.40 9.59 1.24
CA HIS A 16 -0.25 8.89 1.80
C HIS A 16 0.62 9.83 2.63
N ASN A 17 0.30 11.12 2.58
CA ASN A 17 1.05 12.12 3.32
C ASN A 17 0.82 11.96 4.82
N ASN A 18 -0.16 11.15 5.19
CA ASN A 18 -0.48 10.92 6.59
C ASN A 18 0.55 10.01 7.24
N ARG A 19 0.40 8.70 7.02
CA ARG A 19 1.32 7.72 7.58
C ARG A 19 1.94 6.86 6.48
N PHE A 20 2.63 5.80 6.88
CA PHE A 20 3.28 4.90 5.93
C PHE A 20 2.24 4.23 5.02
N MET A 21 2.64 3.96 3.79
CA MET A 21 1.75 3.33 2.82
C MET A 21 2.51 2.31 1.98
N ILE A 22 1.81 1.25 1.57
CA ILE A 22 2.42 0.20 0.76
C ILE A 22 1.88 0.23 -0.67
N CYS A 23 2.66 -0.28 -1.61
CA CYS A 23 2.26 -0.31 -3.01
C CYS A 23 1.87 -1.72 -3.43
N CYS A 24 0.67 -1.86 -3.99
CA CYS A 24 0.17 -3.16 -4.43
C CYS A 24 0.26 -3.28 -5.94
N ASP A 25 0.99 -4.29 -6.40
CA ASP A 25 1.16 -4.52 -7.83
C ASP A 25 -0.07 -5.19 -8.42
N ARG A 26 -0.81 -5.90 -7.58
CA ARG A 26 -2.02 -6.59 -8.01
C ARG A 26 -2.97 -5.62 -8.72
N CYS A 27 -3.50 -4.66 -7.96
CA CYS A 27 -4.42 -3.68 -8.51
C CYS A 27 -3.69 -2.41 -8.91
N GLU A 28 -2.41 -2.34 -8.56
CA GLU A 28 -1.59 -1.17 -8.88
C GLU A 28 -2.07 0.06 -8.11
N GLU A 29 -2.20 -0.08 -6.80
CA GLU A 29 -2.65 1.01 -5.95
C GLU A 29 -1.84 1.07 -4.66
N TRP A 30 -2.30 1.90 -3.71
CA TRP A 30 -1.61 2.05 -2.44
C TRP A 30 -2.53 1.67 -1.28
N PHE A 31 -1.94 1.22 -0.18
CA PHE A 31 -2.71 0.83 0.99
C PHE A 31 -1.93 1.10 2.27
N HIS A 32 -2.57 1.78 3.21
CA HIS A 32 -1.93 2.11 4.48
C HIS A 32 -1.46 0.86 5.20
N GLY A 33 -0.19 0.87 5.62
CA GLY A 33 0.37 -0.28 6.30
C GLY A 33 -0.48 -0.73 7.48
N ASP A 34 -1.21 0.21 8.06
CA ASP A 34 -2.08 -0.09 9.19
C ASP A 34 -3.34 -0.82 8.75
N CYS A 35 -4.07 -0.21 7.81
CA CYS A 35 -5.29 -0.81 7.29
C CYS A 35 -5.05 -2.23 6.81
N VAL A 36 -3.90 -2.45 6.19
CA VAL A 36 -3.55 -3.77 5.68
C VAL A 36 -2.92 -4.63 6.76
N GLY A 37 -2.27 -3.98 7.73
CA GLY A 37 -1.64 -4.70 8.81
C GLY A 37 -0.12 -4.74 8.67
N ILE A 38 0.37 -4.44 7.48
CA ILE A 38 1.81 -4.44 7.23
C ILE A 38 2.53 -3.46 8.14
N SER A 39 3.72 -3.85 8.60
CA SER A 39 4.51 -3.00 9.49
C SER A 39 5.47 -2.12 8.69
N GLU A 40 5.75 -0.94 9.21
CA GLU A 40 6.64 -0.01 8.55
C GLU A 40 7.97 -0.68 8.20
N ALA A 41 8.43 -1.56 9.08
CA ALA A 41 9.68 -2.28 8.87
C ALA A 41 9.51 -3.39 7.84
N ARG A 42 8.29 -3.93 7.76
CA ARG A 42 7.99 -5.01 6.82
C ARG A 42 7.93 -4.48 5.39
N GLY A 43 7.14 -3.42 5.20
CA GLY A 43 7.00 -2.84 3.88
C GLY A 43 8.33 -2.39 3.30
N ARG A 44 9.25 -1.99 4.17
CA ARG A 44 10.57 -1.53 3.74
C ARG A 44 11.41 -2.69 3.23
N LEU A 45 11.23 -3.86 3.84
CA LEU A 45 11.98 -5.05 3.44
C LEU A 45 11.54 -5.52 2.06
N LEU A 46 10.23 -5.62 1.86
CA LEU A 46 9.68 -6.07 0.58
C LEU A 46 10.16 -5.16 -0.56
N GLU A 47 10.40 -3.90 -0.24
CA GLU A 47 10.86 -2.94 -1.23
C GLU A 47 12.30 -3.22 -1.64
N ARG A 48 13.10 -3.68 -0.67
CA ARG A 48 14.51 -3.98 -0.92
C ARG A 48 14.66 -5.36 -1.55
N ASN A 49 13.76 -6.28 -1.19
CA ASN A 49 13.80 -7.63 -1.72
C ASN A 49 13.10 -7.71 -3.08
N GLY A 50 12.21 -6.75 -3.34
CA GLY A 50 11.50 -6.72 -4.59
C GLY A 50 10.31 -7.67 -4.61
N GLU A 51 9.82 -8.02 -3.42
CA GLU A 51 8.69 -8.94 -3.31
C GLU A 51 7.38 -8.20 -3.60
N ASP A 52 6.76 -8.55 -4.71
CA ASP A 52 5.49 -7.92 -5.11
C ASP A 52 4.41 -8.18 -4.06
N TYR A 53 4.20 -7.21 -3.18
CA TYR A 53 3.20 -7.33 -2.13
C TYR A 53 1.79 -7.19 -2.70
N ILE A 54 0.84 -7.90 -2.10
CA ILE A 54 -0.55 -7.85 -2.54
C ILE A 54 -1.49 -7.58 -1.37
N CYS A 55 -2.10 -6.41 -1.38
CA CYS A 55 -3.04 -6.03 -0.31
C CYS A 55 -4.01 -7.17 -0.02
N PRO A 56 -4.57 -7.16 1.20
CA PRO A 56 -5.53 -8.19 1.64
C PRO A 56 -6.86 -8.08 0.92
N ASN A 57 -7.02 -7.01 0.13
CA ASN A 57 -8.26 -6.78 -0.61
C ASN A 57 -8.27 -7.59 -1.90
N CYS A 58 -7.12 -7.62 -2.59
CA CYS A 58 -6.99 -8.35 -3.84
C CYS A 58 -6.87 -9.85 -3.58
N THR A 59 -6.05 -10.21 -2.60
CA THR A 59 -5.84 -11.61 -2.25
C THR A 59 -7.17 -12.34 -2.07
N ILE A 60 -8.18 -11.60 -1.63
CA ILE A 60 -9.51 -12.18 -1.41
C ILE A 60 -10.48 -11.75 -2.51
N LEU A 61 -10.19 -10.62 -3.14
CA LEU A 61 -11.03 -10.10 -4.22
C LEU A 61 -10.22 -9.88 -5.49
N GLY A 1 1.33 5.45 -14.50
CA GLY A 1 1.97 6.52 -13.76
C GLY A 1 2.02 6.24 -12.27
N SER A 2 2.78 7.05 -11.54
CA SER A 2 2.92 6.89 -10.09
C SER A 2 1.72 7.48 -9.36
N MET A 3 1.77 7.45 -8.04
CA MET A 3 0.69 7.98 -7.21
C MET A 3 0.90 9.46 -6.93
N ASP A 4 -0.13 10.12 -6.41
CA ASP A 4 -0.06 11.53 -6.09
C ASP A 4 -0.48 11.79 -4.65
N PRO A 5 -0.09 12.96 -4.11
CA PRO A 5 -0.42 13.35 -2.74
C PRO A 5 -1.90 13.66 -2.57
N ASN A 6 -2.50 14.27 -3.60
CA ASN A 6 -3.91 14.63 -3.56
C ASN A 6 -4.76 13.54 -4.21
N ALA A 7 -4.38 12.29 -4.00
CA ALA A 7 -5.11 11.16 -4.56
C ALA A 7 -5.59 10.21 -3.47
N LEU A 8 -6.41 9.24 -3.86
CA LEU A 8 -6.93 8.26 -2.90
C LEU A 8 -6.82 6.85 -3.45
N TYR A 9 -6.51 5.91 -2.57
CA TYR A 9 -6.36 4.50 -2.97
C TYR A 9 -6.84 3.57 -1.86
N CYS A 10 -6.28 3.74 -0.67
CA CYS A 10 -6.65 2.91 0.47
C CYS A 10 -8.16 2.84 0.63
N ILE A 11 -8.65 1.79 1.28
CA ILE A 11 -10.08 1.62 1.49
C ILE A 11 -10.69 2.84 2.18
N CYS A 12 -9.93 3.43 3.10
CA CYS A 12 -10.38 4.60 3.84
C CYS A 12 -10.36 5.84 2.94
N ARG A 13 -9.69 5.73 1.80
CA ARG A 13 -9.59 6.84 0.87
C ARG A 13 -8.90 8.04 1.52
N GLN A 14 -7.60 7.91 1.76
CA GLN A 14 -6.84 8.99 2.38
C GLN A 14 -5.47 9.13 1.71
N PRO A 15 -4.87 10.33 1.84
CA PRO A 15 -3.56 10.62 1.27
C PRO A 15 -2.43 9.87 1.97
N HIS A 16 -1.37 9.57 1.21
CA HIS A 16 -0.22 8.85 1.77
C HIS A 16 0.66 9.79 2.58
N ASN A 17 0.35 11.08 2.53
CA ASN A 17 1.13 12.08 3.27
C ASN A 17 0.92 11.94 4.77
N ASN A 18 -0.07 11.13 5.15
CA ASN A 18 -0.37 10.91 6.56
C ASN A 18 0.66 9.99 7.19
N ARG A 19 0.50 8.69 6.98
CA ARG A 19 1.42 7.70 7.53
C ARG A 19 2.03 6.84 6.43
N PHE A 20 2.71 5.78 6.83
CA PHE A 20 3.34 4.88 5.87
C PHE A 20 2.30 4.20 4.99
N MET A 21 2.67 3.92 3.75
CA MET A 21 1.76 3.28 2.80
C MET A 21 2.50 2.24 1.96
N ILE A 22 1.79 1.19 1.58
CA ILE A 22 2.36 0.12 0.78
C ILE A 22 1.81 0.13 -0.64
N CYS A 23 2.59 -0.41 -1.58
CA CYS A 23 2.17 -0.45 -2.98
C CYS A 23 1.75 -1.87 -3.37
N CYS A 24 0.55 -2.00 -3.92
CA CYS A 24 0.03 -3.30 -4.33
C CYS A 24 0.11 -3.45 -5.85
N ASP A 25 0.84 -4.46 -6.30
CA ASP A 25 0.99 -4.72 -7.73
C ASP A 25 -0.26 -5.38 -8.30
N ARG A 26 -1.01 -6.06 -7.43
CA ARG A 26 -2.23 -6.75 -7.85
C ARG A 26 -3.17 -5.79 -8.56
N CYS A 27 -3.68 -4.82 -7.80
CA CYS A 27 -4.61 -3.83 -8.36
C CYS A 27 -3.86 -2.57 -8.79
N GLU A 28 -2.58 -2.51 -8.46
CA GLU A 28 -1.76 -1.35 -8.80
C GLU A 28 -2.22 -0.11 -8.04
N GLU A 29 -2.33 -0.23 -6.72
CA GLU A 29 -2.76 0.88 -5.89
C GLU A 29 -1.93 0.95 -4.61
N TRP A 30 -2.36 1.79 -3.68
CA TRP A 30 -1.67 1.96 -2.41
C TRP A 30 -2.59 1.62 -1.24
N PHE A 31 -1.99 1.15 -0.14
CA PHE A 31 -2.76 0.79 1.05
C PHE A 31 -1.95 1.08 2.31
N HIS A 32 -2.59 1.77 3.27
CA HIS A 32 -1.93 2.11 4.52
C HIS A 32 -1.46 0.85 5.24
N GLY A 33 -0.19 0.86 5.65
CA GLY A 33 0.37 -0.29 6.35
C GLY A 33 -0.47 -0.70 7.53
N ASP A 34 -1.19 0.24 8.11
CA ASP A 34 -2.04 -0.04 9.26
C ASP A 34 -3.32 -0.76 8.84
N CYS A 35 -4.05 -0.16 7.90
CA CYS A 35 -5.29 -0.74 7.40
C CYS A 35 -5.06 -2.18 6.93
N VAL A 36 -3.92 -2.41 6.30
CA VAL A 36 -3.58 -3.74 5.80
C VAL A 36 -2.95 -4.59 6.89
N GLY A 37 -2.29 -3.94 7.85
CA GLY A 37 -1.65 -4.66 8.94
C GLY A 37 -0.14 -4.71 8.79
N ILE A 38 0.35 -4.43 7.58
CA ILE A 38 1.78 -4.45 7.32
C ILE A 38 2.52 -3.46 8.22
N SER A 39 3.70 -3.86 8.68
CA SER A 39 4.50 -3.01 9.55
C SER A 39 5.47 -2.15 8.73
N GLU A 40 5.76 -0.96 9.26
CA GLU A 40 6.68 -0.04 8.57
C GLU A 40 7.98 -0.74 8.21
N ALA A 41 8.42 -1.63 9.08
CA ALA A 41 9.67 -2.36 8.85
C ALA A 41 9.47 -3.46 7.81
N ARG A 42 8.27 -4.03 7.78
CA ARG A 42 7.95 -5.09 6.83
C ARG A 42 7.80 -4.54 5.42
N GLY A 43 6.98 -3.50 5.28
CA GLY A 43 6.76 -2.90 3.98
C GLY A 43 8.04 -2.37 3.36
N ARG A 44 8.80 -1.61 4.13
CA ARG A 44 10.06 -1.04 3.66
C ARG A 44 11.01 -2.15 3.19
N LEU A 45 10.84 -3.34 3.75
CA LEU A 45 11.69 -4.48 3.40
C LEU A 45 11.31 -5.03 2.03
N LEU A 46 10.02 -5.25 1.81
CA LEU A 46 9.53 -5.77 0.54
C LEU A 46 9.93 -4.84 -0.61
N GLU A 47 10.05 -3.55 -0.32
CA GLU A 47 10.42 -2.57 -1.32
C GLU A 47 11.88 -2.74 -1.73
N ARG A 48 12.73 -3.07 -0.76
CA ARG A 48 14.15 -3.26 -1.00
C ARG A 48 14.42 -4.65 -1.56
N ASN A 49 13.59 -5.61 -1.17
CA ASN A 49 13.74 -6.99 -1.62
C ASN A 49 13.09 -7.20 -2.98
N GLY A 50 12.13 -6.33 -3.30
CA GLY A 50 11.44 -6.44 -4.57
C GLY A 50 10.31 -7.45 -4.54
N GLU A 51 9.82 -7.74 -3.34
CA GLU A 51 8.73 -8.69 -3.18
C GLU A 51 7.38 -8.07 -3.53
N ASP A 52 6.69 -8.67 -4.49
CA ASP A 52 5.39 -8.16 -4.92
C ASP A 52 4.33 -8.40 -3.85
N TYR A 53 4.04 -7.36 -3.07
CA TYR A 53 3.04 -7.46 -2.00
C TYR A 53 1.63 -7.31 -2.56
N ILE A 54 0.68 -8.01 -1.95
CA ILE A 54 -0.70 -7.96 -2.38
C ILE A 54 -1.64 -7.67 -1.20
N CYS A 55 -2.24 -6.48 -1.22
CA CYS A 55 -3.16 -6.08 -0.16
C CYS A 55 -4.14 -7.20 0.17
N PRO A 56 -4.69 -7.17 1.39
CA PRO A 56 -5.65 -8.18 1.86
C PRO A 56 -7.00 -8.06 1.15
N ASN A 57 -7.15 -7.01 0.35
CA ASN A 57 -8.39 -6.79 -0.39
C ASN A 57 -8.41 -7.61 -1.67
N CYS A 58 -7.28 -7.66 -2.36
CA CYS A 58 -7.17 -8.41 -3.61
C CYS A 58 -7.05 -9.91 -3.33
N THR A 59 -6.23 -10.26 -2.35
CA THR A 59 -6.03 -11.66 -1.99
C THR A 59 -7.36 -12.36 -1.77
N ILE A 60 -8.36 -11.61 -1.33
CA ILE A 60 -9.69 -12.17 -1.09
C ILE A 60 -10.67 -11.77 -2.18
N LEU A 61 -10.33 -10.71 -2.91
CA LEU A 61 -11.17 -10.22 -4.00
C LEU A 61 -11.55 -11.35 -4.95
N GLY A 1 0.03 5.55 -13.61
CA GLY A 1 1.45 5.63 -13.32
C GLY A 1 1.73 5.81 -11.84
N SER A 2 2.42 6.89 -11.50
CA SER A 2 2.77 7.19 -10.12
C SER A 2 1.57 7.77 -9.37
N MET A 3 1.58 7.64 -8.05
CA MET A 3 0.49 8.15 -7.22
C MET A 3 0.68 9.64 -6.93
N ASP A 4 -0.36 10.26 -6.39
CA ASP A 4 -0.29 11.68 -6.06
C ASP A 4 -0.75 11.93 -4.62
N PRO A 5 -0.36 13.09 -4.06
CA PRO A 5 -0.71 13.47 -2.69
C PRO A 5 -2.20 13.76 -2.53
N ASN A 6 -2.79 14.36 -3.56
CA ASN A 6 -4.21 14.70 -3.54
C ASN A 6 -5.05 13.62 -4.20
N ALA A 7 -4.65 12.36 -3.98
CA ALA A 7 -5.36 11.23 -4.55
C ALA A 7 -5.83 10.27 -3.47
N LEU A 8 -6.63 9.28 -3.86
CA LEU A 8 -7.15 8.29 -2.92
C LEU A 8 -7.00 6.88 -3.49
N TYR A 9 -6.68 5.93 -2.61
CA TYR A 9 -6.51 4.54 -3.02
C TYR A 9 -6.98 3.59 -1.92
N CYS A 10 -6.42 3.76 -0.73
CA CYS A 10 -6.77 2.92 0.41
C CYS A 10 -8.29 2.83 0.57
N ILE A 11 -8.75 1.76 1.20
CA ILE A 11 -10.18 1.57 1.43
C ILE A 11 -10.81 2.77 2.12
N CYS A 12 -10.06 3.36 3.04
CA CYS A 12 -10.54 4.52 3.79
C CYS A 12 -10.54 5.77 2.91
N ARG A 13 -9.86 5.68 1.77
CA ARG A 13 -9.77 6.80 0.83
C ARG A 13 -9.11 8.01 1.50
N GLN A 14 -7.80 7.90 1.75
CA GLN A 14 -7.05 8.97 2.37
C GLN A 14 -5.69 9.15 1.72
N PRO A 15 -5.11 10.35 1.85
CA PRO A 15 -3.80 10.67 1.28
C PRO A 15 -2.67 9.92 1.97
N HIS A 16 -1.60 9.64 1.22
CA HIS A 16 -0.44 8.95 1.76
C HIS A 16 0.43 9.89 2.59
N ASN A 17 0.10 11.17 2.55
CA ASN A 17 0.86 12.18 3.29
C ASN A 17 0.65 12.01 4.79
N ASN A 18 -0.33 11.20 5.16
CA ASN A 18 -0.64 10.95 6.57
C ASN A 18 0.41 10.04 7.20
N ARG A 19 0.27 8.74 6.98
CA ARG A 19 1.21 7.76 7.52
C ARG A 19 1.83 6.92 6.41
N PHE A 20 2.53 5.86 6.81
CA PHE A 20 3.17 4.97 5.84
C PHE A 20 2.13 4.29 4.96
N MET A 21 2.51 4.03 3.71
CA MET A 21 1.62 3.38 2.75
C MET A 21 2.38 2.36 1.91
N ILE A 22 1.68 1.30 1.51
CA ILE A 22 2.29 0.25 0.70
C ILE A 22 1.73 0.26 -0.72
N CYS A 23 2.51 -0.24 -1.66
CA CYS A 23 2.11 -0.28 -3.06
C CYS A 23 1.71 -1.71 -3.47
N CYS A 24 0.51 -1.84 -4.01
CA CYS A 24 0.01 -3.15 -4.44
C CYS A 24 0.08 -3.28 -5.95
N ASP A 25 0.82 -4.28 -6.41
CA ASP A 25 0.98 -4.52 -7.84
C ASP A 25 -0.26 -5.19 -8.42
N ARG A 26 -0.99 -5.91 -7.56
CA ARG A 26 -2.19 -6.61 -7.99
C ARG A 26 -3.16 -5.65 -8.69
N CYS A 27 -3.68 -4.69 -7.94
CA CYS A 27 -4.62 -3.72 -8.48
C CYS A 27 -3.90 -2.44 -8.90
N GLU A 28 -2.60 -2.35 -8.56
CA GLU A 28 -1.81 -1.19 -8.89
C GLU A 28 -2.28 0.04 -8.12
N GLU A 29 -2.40 -0.10 -6.81
CA GLU A 29 -2.86 0.99 -5.96
C GLU A 29 -2.03 1.07 -4.68
N TRP A 30 -2.48 1.90 -3.74
CA TRP A 30 -1.77 2.06 -2.47
C TRP A 30 -2.69 1.70 -1.30
N PHE A 31 -2.08 1.23 -0.21
CA PHE A 31 -2.85 0.85 0.97
C PHE A 31 -2.05 1.14 2.25
N HIS A 32 -2.69 1.81 3.20
CA HIS A 32 -2.05 2.16 4.46
C HIS A 32 -1.55 0.90 5.18
N GLY A 33 -0.29 0.92 5.58
CA GLY A 33 0.29 -0.22 6.27
C GLY A 33 -0.54 -0.67 7.46
N ASP A 34 -1.29 0.27 8.04
CA ASP A 34 -2.13 -0.03 9.18
C ASP A 34 -3.40 -0.77 8.75
N CYS A 35 -4.13 -0.17 7.82
CA CYS A 35 -5.37 -0.77 7.32
C CYS A 35 -5.13 -2.20 6.84
N VAL A 36 -3.97 -2.41 6.20
CA VAL A 36 -3.62 -3.73 5.68
C VAL A 36 -2.99 -4.59 6.77
N GLY A 37 -2.33 -3.94 7.73
CA GLY A 37 -1.69 -4.66 8.82
C GLY A 37 -0.18 -4.69 8.67
N ILE A 38 0.30 -4.39 7.48
CA ILE A 38 1.74 -4.39 7.21
C ILE A 38 2.46 -3.41 8.13
N SER A 39 3.64 -3.81 8.59
CA SER A 39 4.43 -2.96 9.48
C SER A 39 5.43 -2.12 8.69
N GLU A 40 5.75 -0.94 9.21
CA GLU A 40 6.68 -0.04 8.55
C GLU A 40 7.98 -0.76 8.22
N ALA A 41 8.38 -1.68 9.09
CA ALA A 41 9.61 -2.44 8.90
C ALA A 41 9.42 -3.51 7.83
N ARG A 42 8.21 -4.06 7.75
CA ARG A 42 7.90 -5.10 6.78
C ARG A 42 7.78 -4.51 5.38
N GLY A 43 6.98 -3.46 5.24
CA GLY A 43 6.79 -2.82 3.95
C GLY A 43 8.10 -2.35 3.34
N ARG A 44 9.04 -1.99 4.19
CA ARG A 44 10.35 -1.52 3.72
C ARG A 44 11.22 -2.69 3.28
N LEU A 45 10.99 -3.86 3.87
CA LEU A 45 11.75 -5.05 3.53
C LEU A 45 11.36 -5.58 2.15
N LEU A 46 10.06 -5.61 1.88
CA LEU A 46 9.56 -6.09 0.60
C LEU A 46 10.11 -5.25 -0.56
N GLU A 47 10.45 -4.00 -0.25
CA GLU A 47 10.99 -3.09 -1.26
C GLU A 47 12.41 -3.51 -1.66
N ARG A 48 13.21 -3.89 -0.67
CA ARG A 48 14.58 -4.30 -0.92
C ARG A 48 14.63 -5.72 -1.48
N ASN A 49 13.66 -6.54 -1.08
CA ASN A 49 13.59 -7.92 -1.54
C ASN A 49 12.91 -8.01 -2.90
N GLY A 50 12.11 -7.00 -3.23
CA GLY A 50 11.43 -6.97 -4.50
C GLY A 50 10.26 -7.95 -4.55
N GLU A 51 9.66 -8.19 -3.40
CA GLU A 51 8.53 -9.12 -3.31
C GLU A 51 7.21 -8.39 -3.55
N ASP A 52 6.65 -8.55 -4.75
CA ASP A 52 5.39 -7.91 -5.09
C ASP A 52 4.33 -8.18 -4.04
N TYR A 53 4.07 -7.17 -3.21
CA TYR A 53 3.07 -7.29 -2.15
C TYR A 53 1.66 -7.16 -2.70
N ILE A 54 0.72 -7.88 -2.10
CA ILE A 54 -0.67 -7.84 -2.52
C ILE A 54 -1.61 -7.57 -1.36
N CYS A 55 -2.23 -6.40 -1.35
CA CYS A 55 -3.16 -6.02 -0.29
C CYS A 55 -4.12 -7.16 0.02
N PRO A 56 -4.68 -7.15 1.24
CA PRO A 56 -5.62 -8.17 1.70
C PRO A 56 -6.96 -8.07 0.98
N ASN A 57 -7.13 -7.01 0.19
CA ASN A 57 -8.38 -6.80 -0.55
C ASN A 57 -8.39 -7.61 -1.83
N CYS A 58 -7.25 -7.63 -2.53
CA CYS A 58 -7.13 -8.37 -3.78
C CYS A 58 -6.99 -9.87 -3.52
N THR A 59 -6.17 -10.22 -2.53
CA THR A 59 -5.95 -11.61 -2.18
C THR A 59 -7.27 -12.35 -1.98
N ILE A 60 -8.29 -11.62 -1.54
CA ILE A 60 -9.61 -12.20 -1.31
C ILE A 60 -10.66 -11.54 -2.20
N LEU A 61 -10.21 -10.96 -3.30
CA LEU A 61 -11.12 -10.30 -4.23
C LEU A 61 -11.79 -11.31 -5.17
#